data_4ZUO
#
_entry.id   4ZUO
#
_cell.length_a   44.998
_cell.length_b   121.076
_cell.length_c   64.417
_cell.angle_alpha   90.00
_cell.angle_beta   96.75
_cell.angle_gamma   90.00
#
_symmetry.space_group_name_H-M   'P 1 21 1'
#
loop_
_entity.id
_entity.type
_entity.pdbx_description
1 polymer 'Acetylpolyamine aminohydrolase'
2 non-polymer 'ZINC ION'
3 non-polymer 'POTASSIUM ION'
4 non-polymer 'AMMONIUM ION'
5 non-polymer 6-[(3-aminopropyl)amino]-N-hydroxyhexanamide
6 non-polymer GLYCEROL
7 water water
#
_entity_poly.entity_id   1
_entity_poly.type   'polypeptide(L)'
_entity_poly.pdbx_seq_one_letter_code
;MRVIFSEDHKLRNAKTELYGGELVPPFEAPFRAEWILAAVKEAGFDDVVAPARHGLETVLKVHDAGYLNFLETAWDRWKA
AGYKGEAIATSFPVRRTSPRIPTDIEGQIGYYCNAAETAISPGTWEAALSSMASAIDGADLIAAGHKAAFSLCRPPGHHA
GIDMFGGYCFINNAAVAAQRLLDKGAKKIAILDVDFHHGNGTQDIFYERGDVFFASLHGDPAEAFPHFLGYAEETGKGAG
AGTTANYPMGRGTPYSVWGEALTDSLKRIAAFGAEAIVVSLGVDTFEQDPISFFKLTSPDYITMGRTIAASGVPLLVVME
GGYGVPEIGLNVANVLKGVAG
;
_entity_poly.pdbx_strand_id   A,B
#
# COMPACT_ATOMS: atom_id res chain seq x y z
N MET A 1 -36.15 -19.84 7.19
CA MET A 1 -34.97 -20.02 6.33
C MET A 1 -33.78 -20.53 7.12
N ARG A 2 -32.93 -21.28 6.43
CA ARG A 2 -31.80 -21.87 7.10
C ARG A 2 -30.68 -20.85 7.29
N VAL A 3 -30.00 -20.94 8.42
CA VAL A 3 -28.84 -20.11 8.73
C VAL A 3 -27.64 -21.05 8.77
N ILE A 4 -26.63 -20.77 7.94
N ILE A 4 -26.61 -20.76 7.97
CA ILE A 4 -25.39 -21.56 7.91
CA ILE A 4 -25.40 -21.58 7.92
C ILE A 4 -24.32 -20.80 8.66
C ILE A 4 -24.26 -20.83 8.61
N PHE A 5 -23.69 -21.44 9.64
CA PHE A 5 -22.72 -20.75 10.51
C PHE A 5 -21.71 -21.74 11.06
N SER A 6 -20.44 -21.37 10.98
CA SER A 6 -19.36 -22.20 11.53
C SER A 6 -18.75 -21.58 12.79
N GLU A 7 -18.61 -22.37 13.85
CA GLU A 7 -17.91 -21.91 15.02
C GLU A 7 -16.43 -21.68 14.74
N ASP A 8 -15.93 -22.17 13.61
CA ASP A 8 -14.53 -21.96 13.27
C ASP A 8 -14.20 -20.52 12.87
N HIS A 9 -15.20 -19.66 12.76
CA HIS A 9 -14.90 -18.24 12.57
C HIS A 9 -13.97 -17.74 13.66
N LYS A 10 -14.11 -18.31 14.86
CA LYS A 10 -13.35 -17.78 16.00
C LYS A 10 -11.85 -18.02 15.91
N LEU A 11 -11.41 -18.86 14.96
CA LEU A 11 -9.99 -19.03 14.71
C LEU A 11 -9.35 -17.75 14.20
N ARG A 12 -10.15 -16.86 13.62
CA ARG A 12 -9.65 -15.52 13.39
C ARG A 12 -10.00 -14.65 14.59
N ASN A 13 -8.98 -14.37 15.38
CA ASN A 13 -9.14 -13.52 16.56
C ASN A 13 -7.89 -12.65 16.66
N ALA A 14 -7.74 -11.82 15.66
CA ALA A 14 -6.58 -10.92 15.56
C ALA A 14 -6.57 -9.93 16.71
N LYS A 15 -5.38 -9.57 17.16
N LYS A 15 -5.36 -9.58 17.15
CA LYS A 15 -5.26 -8.64 18.27
CA LYS A 15 -5.18 -8.67 18.27
C LYS A 15 -5.12 -7.19 17.82
C LYS A 15 -5.12 -7.21 17.83
N THR A 16 -4.74 -6.97 16.57
CA THR A 16 -4.43 -5.60 16.13
C THR A 16 -5.01 -5.23 14.79
N GLU A 17 -5.35 -3.94 14.69
CA GLU A 17 -5.79 -3.31 13.46
C GLU A 17 -5.16 -1.93 13.42
N LEU A 18 -4.59 -1.55 12.29
CA LEU A 18 -4.01 -0.23 12.18
C LEU A 18 -5.13 0.76 11.89
N TYR A 19 -5.38 1.67 12.83
CA TYR A 19 -6.46 2.63 12.69
C TYR A 19 -5.98 3.96 13.25
N GLY A 20 -5.99 5.01 12.44
CA GLY A 20 -5.58 6.32 12.90
C GLY A 20 -4.15 6.38 13.40
N GLY A 21 -3.28 5.60 12.75
CA GLY A 21 -1.88 5.55 13.13
C GLY A 21 -1.60 4.83 14.44
N GLU A 22 -2.56 4.04 14.90
CA GLU A 22 -2.38 3.27 16.13
C GLU A 22 -2.76 1.82 15.85
N LEU A 23 -2.23 0.92 16.66
CA LEU A 23 -2.64 -0.48 16.60
C LEU A 23 -3.67 -0.69 17.70
N VAL A 24 -4.91 -0.95 17.27
CA VAL A 24 -6.06 -1.02 18.18
C VAL A 24 -6.73 -2.38 18.04
N PRO A 25 -7.62 -2.73 18.98
CA PRO A 25 -8.34 -4.00 18.79
C PRO A 25 -9.23 -3.94 17.55
N PRO A 26 -9.27 -5.00 16.75
CA PRO A 26 -10.02 -4.96 15.50
C PRO A 26 -11.51 -4.76 15.69
N PHE A 27 -12.09 -4.00 14.78
CA PHE A 27 -13.53 -3.88 14.67
C PHE A 27 -14.18 -5.19 14.28
N GLU A 28 -13.55 -5.94 13.37
CA GLU A 28 -14.12 -7.19 12.87
C GLU A 28 -13.72 -8.33 13.81
N ALA A 29 -14.41 -8.39 14.95
CA ALA A 29 -14.05 -9.26 16.06
C ALA A 29 -15.04 -10.41 16.22
N PRO A 30 -14.62 -11.53 16.84
CA PRO A 30 -15.50 -12.69 16.99
C PRO A 30 -16.83 -12.41 17.67
N PHE A 31 -16.90 -11.47 18.61
CA PHE A 31 -18.15 -11.16 19.26
C PHE A 31 -19.24 -10.67 18.29
N ARG A 32 -18.88 -10.21 17.09
CA ARG A 32 -19.89 -9.84 16.10
C ARG A 32 -20.77 -11.03 15.76
N ALA A 33 -20.14 -12.19 15.53
CA ALA A 33 -20.90 -13.34 15.08
C ALA A 33 -21.84 -13.77 16.18
N GLU A 34 -21.40 -13.66 17.42
CA GLU A 34 -22.20 -13.98 18.56
C GLU A 34 -23.46 -13.08 18.65
N TRP A 35 -23.27 -11.77 18.50
CA TRP A 35 -24.37 -10.81 18.47
C TRP A 35 -25.37 -11.11 17.36
N ILE A 36 -24.86 -11.41 16.18
CA ILE A 36 -25.73 -11.65 15.03
C ILE A 36 -26.50 -12.96 15.20
N LEU A 37 -25.80 -14.02 15.59
CA LEU A 37 -26.45 -15.32 15.74
C LEU A 37 -27.55 -15.22 16.79
N ALA A 38 -27.27 -14.59 17.92
CA ALA A 38 -28.26 -14.48 18.97
C ALA A 38 -29.51 -13.72 18.52
N ALA A 39 -29.31 -12.64 17.76
CA ALA A 39 -30.44 -11.86 17.28
C ALA A 39 -31.28 -12.57 16.22
N VAL A 40 -30.63 -13.30 15.32
CA VAL A 40 -31.41 -14.00 14.31
C VAL A 40 -32.24 -15.12 14.97
N LYS A 41 -31.66 -15.79 15.96
CA LYS A 41 -32.40 -16.81 16.69
C LYS A 41 -33.58 -16.17 17.42
N GLU A 42 -33.35 -15.02 18.05
CA GLU A 42 -34.40 -14.30 18.76
C GLU A 42 -35.56 -13.94 17.84
N ALA A 43 -35.25 -13.68 16.57
CA ALA A 43 -36.24 -13.32 15.57
C ALA A 43 -36.93 -14.53 14.95
N GLY A 44 -36.59 -15.72 15.45
CA GLY A 44 -37.27 -16.92 15.01
C GLY A 44 -36.51 -17.73 13.99
N PHE A 45 -35.31 -17.28 13.61
CA PHE A 45 -34.50 -18.01 12.65
C PHE A 45 -33.56 -18.94 13.42
N ASP A 46 -34.10 -20.04 13.92
CA ASP A 46 -33.29 -20.95 14.72
C ASP A 46 -32.89 -22.23 14.01
N ASP A 47 -33.13 -22.33 12.70
CA ASP A 47 -32.65 -23.47 11.91
C ASP A 47 -31.18 -23.20 11.53
N VAL A 48 -30.30 -23.35 12.50
CA VAL A 48 -28.88 -23.02 12.35
C VAL A 48 -28.10 -24.29 12.22
N VAL A 49 -27.29 -24.39 11.17
CA VAL A 49 -26.50 -25.57 10.93
C VAL A 49 -25.08 -25.20 10.54
N ALA A 50 -24.13 -26.05 10.91
CA ALA A 50 -22.75 -25.87 10.47
C ALA A 50 -22.60 -26.24 9.00
N PRO A 51 -21.70 -25.58 8.29
CA PRO A 51 -21.47 -25.97 6.89
C PRO A 51 -20.70 -27.28 6.82
N ALA A 52 -20.91 -28.04 5.76
CA ALA A 52 -19.96 -29.10 5.41
C ALA A 52 -18.67 -28.43 4.99
N ARG A 53 -17.54 -29.10 5.17
N ARG A 53 -17.54 -29.10 5.18
CA ARG A 53 -16.28 -28.54 4.71
CA ARG A 53 -16.28 -28.54 4.70
C ARG A 53 -16.15 -28.68 3.20
C ARG A 53 -16.23 -28.61 3.17
N HIS A 54 -15.45 -27.72 2.59
CA HIS A 54 -15.22 -27.74 1.14
C HIS A 54 -13.76 -27.54 0.82
N GLY A 55 -13.32 -28.16 -0.27
CA GLY A 55 -12.00 -27.90 -0.80
C GLY A 55 -12.02 -26.66 -1.69
N LEU A 56 -11.04 -26.58 -2.58
CA LEU A 56 -10.80 -25.35 -3.31
C LEU A 56 -11.40 -25.30 -4.71
N GLU A 57 -12.22 -26.30 -5.08
CA GLU A 57 -12.74 -26.32 -6.44
C GLU A 57 -13.42 -25.02 -6.88
N THR A 58 -14.38 -24.57 -6.09
CA THR A 58 -15.14 -23.39 -6.48
C THR A 58 -14.28 -22.13 -6.37
N VAL A 59 -13.54 -22.00 -5.28
CA VAL A 59 -12.81 -20.76 -5.01
C VAL A 59 -11.70 -20.51 -6.05
N LEU A 60 -11.14 -21.56 -6.62
CA LEU A 60 -10.10 -21.40 -7.62
C LEU A 60 -10.63 -20.76 -8.90
N LYS A 61 -11.95 -20.72 -9.05
CA LYS A 61 -12.53 -20.09 -10.25
C LYS A 61 -12.73 -18.58 -10.08
N VAL A 62 -12.57 -18.08 -8.85
CA VAL A 62 -12.71 -16.63 -8.60
C VAL A 62 -11.44 -16.00 -8.02
N HIS A 63 -10.61 -16.77 -7.33
CA HIS A 63 -9.33 -16.26 -6.81
C HIS A 63 -8.17 -16.93 -7.51
N ASP A 64 -7.08 -16.17 -7.62
CA ASP A 64 -5.82 -16.63 -8.16
C ASP A 64 -5.19 -17.70 -7.27
N ALA A 65 -4.62 -18.73 -7.88
CA ALA A 65 -4.03 -19.83 -7.12
C ALA A 65 -2.81 -19.41 -6.28
N GLY A 66 -1.95 -18.56 -6.83
CA GLY A 66 -0.81 -18.04 -6.07
C GLY A 66 -1.26 -17.29 -4.83
N TYR A 67 -2.33 -16.51 -4.98
CA TYR A 67 -2.90 -15.78 -3.84
C TYR A 67 -3.38 -16.75 -2.76
N LEU A 68 -4.12 -17.79 -3.14
CA LEU A 68 -4.60 -18.74 -2.14
C LEU A 68 -3.44 -19.49 -1.49
N ASN A 69 -2.42 -19.81 -2.28
CA ASN A 69 -1.24 -20.47 -1.72
C ASN A 69 -0.53 -19.57 -0.73
N PHE A 70 -0.46 -18.27 -1.04
CA PHE A 70 0.13 -17.29 -0.14
C PHE A 70 -0.62 -17.25 1.20
N LEU A 71 -1.95 -17.17 1.16
CA LEU A 71 -2.71 -17.08 2.41
C LEU A 71 -2.50 -18.30 3.29
N GLU A 72 -2.38 -19.46 2.67
CA GLU A 72 -2.25 -20.70 3.41
C GLU A 72 -1.00 -20.74 4.27
N THR A 73 0.07 -20.10 3.83
CA THR A 73 1.32 -20.14 4.59
C THR A 73 1.80 -18.80 5.17
N ALA A 74 1.01 -17.74 4.99
CA ALA A 74 1.49 -16.40 5.32
C ALA A 74 1.88 -16.26 6.79
N TRP A 75 1.02 -16.74 7.69
CA TRP A 75 1.30 -16.63 9.11
C TRP A 75 2.58 -17.39 9.47
N ASP A 76 2.67 -18.64 9.04
CA ASP A 76 3.85 -19.45 9.35
C ASP A 76 5.13 -18.76 8.88
N ARG A 77 5.10 -18.21 7.67
CA ARG A 77 6.29 -17.57 7.13
C ARG A 77 6.65 -16.29 7.85
N TRP A 78 5.63 -15.50 8.22
CA TRP A 78 5.86 -14.29 8.99
C TRP A 78 6.53 -14.60 10.32
N LYS A 79 5.97 -15.57 11.04
CA LYS A 79 6.52 -15.97 12.32
C LYS A 79 7.95 -16.51 12.16
N ALA A 80 8.18 -17.28 11.10
CA ALA A 80 9.51 -17.89 10.88
C ALA A 80 10.55 -16.82 10.58
N ALA A 81 10.10 -15.69 10.06
CA ALA A 81 10.99 -14.59 9.71
C ALA A 81 11.40 -13.78 10.93
N GLY A 82 10.82 -14.10 12.08
CA GLY A 82 11.21 -13.47 13.34
C GLY A 82 10.43 -12.24 13.77
N TYR A 83 9.43 -11.83 12.99
CA TYR A 83 8.66 -10.63 13.33
C TYR A 83 7.82 -10.85 14.58
N LYS A 84 7.66 -9.79 15.37
CA LYS A 84 7.05 -9.93 16.69
C LYS A 84 5.55 -9.64 16.71
N GLY A 85 5.09 -8.80 15.80
CA GLY A 85 3.67 -8.46 15.75
C GLY A 85 2.92 -9.37 14.80
N GLU A 86 1.67 -9.03 14.53
CA GLU A 86 0.91 -9.77 13.56
C GLU A 86 1.39 -9.36 12.16
N ALA A 87 0.90 -10.05 11.13
CA ALA A 87 1.46 -9.88 9.80
C ALA A 87 0.73 -8.77 9.09
N ILE A 88 1.43 -7.65 8.90
CA ILE A 88 0.86 -6.43 8.34
C ILE A 88 1.78 -5.97 7.20
N ALA A 89 1.21 -5.80 6.03
CA ALA A 89 1.94 -5.34 4.85
C ALA A 89 2.32 -3.87 4.98
N THR A 90 3.47 -3.48 4.44
N THR A 90 3.47 -3.50 4.40
CA THR A 90 3.79 -2.06 4.35
CA THR A 90 4.03 -2.16 4.54
C THR A 90 4.16 -1.56 2.95
C THR A 90 4.55 -1.56 3.24
N SER A 91 4.94 -2.32 2.18
N SER A 91 4.60 -2.34 2.18
CA SER A 91 5.20 -1.94 0.79
CA SER A 91 5.09 -1.84 0.89
C SER A 91 4.12 -2.47 -0.13
C SER A 91 4.22 -2.48 -0.18
N PHE A 92 3.73 -1.66 -1.11
CA PHE A 92 2.69 -2.06 -2.03
C PHE A 92 3.06 -1.77 -3.49
N PRO A 93 2.54 -2.59 -4.41
CA PRO A 93 2.81 -2.37 -5.83
C PRO A 93 1.86 -1.29 -6.37
N VAL A 94 2.26 -0.05 -6.22
CA VAL A 94 1.41 1.09 -6.58
C VAL A 94 1.77 1.58 -7.98
N ARG A 95 1.61 2.87 -8.27
CA ARG A 95 1.82 3.39 -9.63
C ARG A 95 3.20 3.07 -10.16
N ARG A 96 3.27 2.60 -11.40
CA ARG A 96 4.52 2.49 -12.15
C ARG A 96 5.51 1.56 -11.48
N THR A 97 5.01 0.46 -10.95
CA THR A 97 5.86 -0.57 -10.35
C THR A 97 6.03 -1.74 -11.31
N SER A 98 7.03 -2.56 -11.04
CA SER A 98 7.17 -3.85 -11.72
C SER A 98 5.98 -4.75 -11.42
N PRO A 99 5.56 -5.57 -12.38
CA PRO A 99 4.49 -6.54 -12.12
C PRO A 99 5.01 -7.83 -11.45
N ARG A 100 6.31 -7.92 -11.23
CA ARG A 100 6.88 -9.16 -10.69
C ARG A 100 6.47 -9.44 -9.25
N ILE A 101 6.40 -10.73 -8.94
CA ILE A 101 6.03 -11.17 -7.60
C ILE A 101 7.32 -11.40 -6.81
N PRO A 102 7.47 -10.74 -5.65
CA PRO A 102 8.63 -11.01 -4.80
C PRO A 102 8.67 -12.45 -4.28
N THR A 103 9.77 -12.87 -3.70
CA THR A 103 9.84 -14.22 -3.15
C THR A 103 9.71 -14.28 -1.63
N ASP A 104 10.04 -13.19 -0.94
N ASP A 104 10.06 -13.22 -0.93
CA ASP A 104 10.08 -13.18 0.52
CA ASP A 104 10.05 -13.28 0.53
C ASP A 104 8.71 -12.87 1.11
C ASP A 104 8.72 -12.85 1.12
N ILE A 105 8.55 -13.10 2.41
CA ILE A 105 7.25 -12.84 3.04
C ILE A 105 6.90 -11.35 3.07
N GLU A 106 7.87 -10.46 3.31
CA GLU A 106 7.54 -9.04 3.35
C GLU A 106 7.10 -8.53 1.98
N GLY A 107 7.82 -8.92 0.92
CA GLY A 107 7.41 -8.56 -0.43
C GLY A 107 6.07 -9.16 -0.83
N GLN A 108 5.88 -10.43 -0.52
CA GLN A 108 4.65 -11.09 -0.93
C GLN A 108 3.43 -10.59 -0.18
N ILE A 109 3.53 -10.31 1.12
CA ILE A 109 2.35 -9.83 1.82
C ILE A 109 1.88 -8.51 1.22
N GLY A 110 2.81 -7.64 0.81
CA GLY A 110 2.40 -6.42 0.13
C GLY A 110 1.85 -6.68 -1.27
N TYR A 111 2.49 -7.58 -2.00
CA TYR A 111 2.01 -7.91 -3.33
C TYR A 111 0.54 -8.35 -3.29
N TYR A 112 0.20 -9.14 -2.28
CA TYR A 112 -1.13 -9.75 -2.18
C TYR A 112 -2.09 -8.97 -1.27
N CYS A 113 -1.81 -7.70 -1.01
CA CYS A 113 -2.64 -6.91 -0.09
C CYS A 113 -3.08 -5.59 -0.71
N ASN A 114 -4.31 -5.16 -0.45
CA ASN A 114 -4.79 -3.88 -0.93
C ASN A 114 -5.00 -2.86 0.21
N ALA A 115 -4.82 -3.28 1.47
CA ALA A 115 -5.18 -2.45 2.62
C ALA A 115 -4.50 -2.97 3.87
N ALA A 116 -3.66 -2.14 4.49
CA ALA A 116 -2.80 -2.54 5.59
C ALA A 116 -3.46 -2.53 6.97
N GLU A 117 -4.72 -2.10 7.05
CA GLU A 117 -5.37 -2.14 8.35
C GLU A 117 -5.64 -3.58 8.78
N THR A 118 -5.62 -4.51 7.82
CA THR A 118 -5.97 -5.92 8.05
C THR A 118 -4.70 -6.73 8.28
N ALA A 119 -4.53 -7.22 9.50
CA ALA A 119 -3.42 -8.08 9.89
C ALA A 119 -3.78 -9.53 9.70
N ILE A 120 -2.83 -10.34 9.23
CA ILE A 120 -2.98 -11.79 9.23
C ILE A 120 -2.48 -12.32 10.57
N SER A 121 -3.29 -13.18 11.18
CA SER A 121 -3.03 -13.74 12.50
C SER A 121 -3.17 -15.25 12.45
N PRO A 122 -2.65 -15.96 13.46
CA PRO A 122 -2.78 -17.42 13.43
C PRO A 122 -4.25 -17.84 13.43
N GLY A 123 -4.59 -18.77 12.55
CA GLY A 123 -5.97 -19.22 12.44
C GLY A 123 -6.76 -18.50 11.34
N THR A 124 -6.20 -17.44 10.78
CA THR A 124 -6.93 -16.65 9.78
C THR A 124 -7.33 -17.49 8.56
N TRP A 125 -6.39 -18.28 8.04
CA TRP A 125 -6.69 -19.10 6.87
C TRP A 125 -7.80 -20.12 7.15
N GLU A 126 -7.65 -20.80 8.29
N GLU A 126 -7.69 -20.83 8.27
CA GLU A 126 -8.62 -21.78 8.73
CA GLU A 126 -8.73 -21.81 8.60
C GLU A 126 -10.02 -21.16 8.88
C GLU A 126 -10.07 -21.11 8.81
N ALA A 127 -10.07 -19.98 9.48
CA ALA A 127 -11.32 -19.24 9.64
C ALA A 127 -11.92 -18.84 8.29
N ALA A 128 -11.08 -18.33 7.40
CA ALA A 128 -11.55 -17.91 6.08
C ALA A 128 -12.13 -19.09 5.29
N LEU A 129 -11.51 -20.26 5.39
CA LEU A 129 -12.04 -21.45 4.72
C LEU A 129 -13.40 -21.85 5.29
N SER A 130 -13.58 -21.69 6.60
CA SER A 130 -14.87 -22.05 7.23
C SER A 130 -15.96 -21.08 6.78
N SER A 131 -15.59 -19.82 6.60
CA SER A 131 -16.52 -18.79 6.18
C SER A 131 -16.92 -19.02 4.73
N MET A 132 -15.95 -19.37 3.91
CA MET A 132 -16.22 -19.76 2.54
C MET A 132 -17.19 -20.95 2.49
N ALA A 133 -16.95 -21.93 3.36
CA ALA A 133 -17.82 -23.11 3.43
C ALA A 133 -19.26 -22.72 3.74
N SER A 134 -19.45 -21.76 4.65
CA SER A 134 -20.82 -21.32 4.95
C SER A 134 -21.49 -20.72 3.72
N ALA A 135 -20.72 -19.95 2.95
CA ALA A 135 -21.24 -19.39 1.71
C ALA A 135 -21.58 -20.46 0.67
N ILE A 136 -20.71 -21.45 0.53
CA ILE A 136 -20.96 -22.53 -0.42
C ILE A 136 -22.20 -23.35 -0.05
N ASP A 137 -22.36 -23.69 1.23
CA ASP A 137 -23.54 -24.45 1.63
C ASP A 137 -24.82 -23.64 1.43
N GLY A 138 -24.76 -22.34 1.69
CA GLY A 138 -25.89 -21.47 1.40
C GLY A 138 -26.25 -21.47 -0.07
N ALA A 139 -25.24 -21.34 -0.93
CA ALA A 139 -25.46 -21.38 -2.36
C ALA A 139 -26.08 -22.71 -2.77
N ASP A 140 -25.60 -23.81 -2.20
CA ASP A 140 -26.14 -25.12 -2.54
C ASP A 140 -27.62 -25.23 -2.17
N LEU A 141 -28.04 -24.59 -1.08
CA LEU A 141 -29.46 -24.62 -0.72
C LEU A 141 -30.26 -23.88 -1.76
N ILE A 142 -29.76 -22.74 -2.22
CA ILE A 142 -30.47 -22.01 -3.27
C ILE A 142 -30.52 -22.82 -4.57
N ALA A 143 -29.39 -23.42 -4.93
CA ALA A 143 -29.32 -24.24 -6.14
C ALA A 143 -30.32 -25.38 -6.11
N ALA A 144 -30.60 -25.90 -4.91
CA ALA A 144 -31.47 -27.06 -4.74
C ALA A 144 -32.93 -26.63 -4.63
N GLY A 145 -33.20 -25.33 -4.65
CA GLY A 145 -34.57 -24.85 -4.70
C GLY A 145 -35.09 -23.94 -3.60
N HIS A 146 -34.32 -23.72 -2.54
CA HIS A 146 -34.76 -22.77 -1.51
C HIS A 146 -34.79 -21.36 -2.09
N LYS A 147 -35.74 -20.55 -1.63
CA LYS A 147 -35.85 -19.18 -2.09
C LYS A 147 -35.08 -18.16 -1.25
N ALA A 148 -34.64 -18.58 -0.07
CA ALA A 148 -33.83 -17.74 0.78
C ALA A 148 -32.98 -18.60 1.69
N ALA A 149 -31.80 -18.11 2.03
CA ALA A 149 -30.95 -18.70 3.05
C ALA A 149 -30.01 -17.60 3.53
N PHE A 150 -29.44 -17.78 4.73
CA PHE A 150 -28.48 -16.82 5.27
C PHE A 150 -27.19 -17.52 5.65
N SER A 151 -26.10 -17.10 5.01
CA SER A 151 -24.76 -17.58 5.33
C SER A 151 -24.12 -16.57 6.29
N LEU A 152 -23.97 -16.94 7.55
CA LEU A 152 -23.38 -16.06 8.56
C LEU A 152 -21.87 -16.18 8.45
N CYS A 153 -21.33 -15.53 7.42
CA CYS A 153 -19.88 -15.54 7.15
C CYS A 153 -19.14 -14.62 8.10
N ARG A 154 -18.02 -15.11 8.60
CA ARG A 154 -17.02 -14.32 9.30
C ARG A 154 -15.74 -15.12 9.21
N PRO A 155 -14.63 -14.56 8.70
CA PRO A 155 -14.49 -13.17 8.24
C PRO A 155 -15.30 -12.87 6.98
N PRO A 156 -15.56 -11.58 6.76
CA PRO A 156 -16.29 -11.13 5.57
C PRO A 156 -15.42 -11.27 4.31
N GLY A 157 -16.00 -10.94 3.16
CA GLY A 157 -15.33 -11.25 1.92
C GLY A 157 -15.23 -10.16 0.86
N HIS A 158 -16.04 -9.10 0.91
CA HIS A 158 -16.22 -8.31 -0.31
C HIS A 158 -15.07 -7.42 -0.73
N HIS A 159 -14.06 -7.24 0.13
CA HIS A 159 -12.86 -6.50 -0.24
C HIS A 159 -11.76 -7.39 -0.81
N ALA A 160 -11.93 -8.71 -0.77
CA ALA A 160 -10.93 -9.63 -1.32
C ALA A 160 -11.12 -9.71 -2.82
N GLY A 161 -10.12 -9.27 -3.58
CA GLY A 161 -10.19 -9.29 -5.03
C GLY A 161 -9.54 -10.55 -5.59
N ILE A 162 -9.27 -10.55 -6.89
CA ILE A 162 -8.78 -11.77 -7.51
C ILE A 162 -7.54 -12.29 -6.75
N ASP A 163 -6.63 -11.37 -6.43
CA ASP A 163 -5.37 -11.75 -5.80
C ASP A 163 -4.94 -10.76 -4.72
N MET A 164 -5.91 -10.30 -3.94
N MET A 164 -5.88 -10.24 -3.95
N MET A 164 -5.88 -10.25 -3.94
CA MET A 164 -5.64 -9.36 -2.85
CA MET A 164 -5.51 -9.38 -2.83
CA MET A 164 -5.51 -9.38 -2.83
C MET A 164 -6.54 -9.58 -1.65
C MET A 164 -6.50 -9.44 -1.68
C MET A 164 -6.50 -9.41 -1.68
N PHE A 165 -5.97 -9.43 -0.47
CA PHE A 165 -6.75 -9.37 0.77
C PHE A 165 -6.75 -7.93 1.30
N GLY A 166 -7.71 -7.61 2.16
CA GLY A 166 -7.77 -6.28 2.76
C GLY A 166 -9.19 -6.01 3.23
N GLY A 167 -9.37 -4.92 3.97
CA GLY A 167 -10.70 -4.58 4.46
C GLY A 167 -11.34 -5.68 5.31
N TYR A 168 -10.49 -6.42 6.01
CA TYR A 168 -10.93 -7.48 6.96
C TYR A 168 -11.30 -8.77 6.23
N CYS A 169 -11.00 -8.84 4.94
CA CYS A 169 -11.46 -9.92 4.07
C CYS A 169 -10.31 -10.69 3.41
N PHE A 170 -10.50 -11.99 3.21
CA PHE A 170 -9.47 -12.88 2.65
C PHE A 170 -9.96 -13.72 1.49
N ILE A 171 -11.14 -14.32 1.65
CA ILE A 171 -11.76 -15.07 0.56
C ILE A 171 -13.09 -14.38 0.32
N ASN A 172 -13.38 -14.11 -0.96
CA ASN A 172 -14.61 -13.39 -1.29
C ASN A 172 -15.79 -14.36 -1.30
N ASN A 173 -16.39 -14.50 -0.12
CA ASN A 173 -17.47 -15.46 0.08
C ASN A 173 -18.62 -15.29 -0.90
N ALA A 174 -19.03 -14.05 -1.15
CA ALA A 174 -20.13 -13.78 -2.07
C ALA A 174 -19.75 -14.19 -3.48
N ALA A 175 -18.52 -13.89 -3.90
CA ALA A 175 -18.08 -14.32 -5.22
C ALA A 175 -18.06 -15.84 -5.34
N VAL A 176 -17.57 -16.53 -4.31
CA VAL A 176 -17.57 -17.98 -4.29
C VAL A 176 -19.02 -18.52 -4.40
N ALA A 177 -19.95 -17.91 -3.67
CA ALA A 177 -21.33 -18.37 -3.74
C ALA A 177 -21.91 -18.19 -5.14
N ALA A 178 -21.64 -17.04 -5.76
CA ALA A 178 -22.14 -16.80 -7.12
C ALA A 178 -21.57 -17.83 -8.08
N GLN A 179 -20.26 -18.08 -7.97
CA GLN A 179 -19.65 -19.10 -8.81
C GLN A 179 -20.26 -20.49 -8.57
N ARG A 180 -20.55 -20.78 -7.31
CA ARG A 180 -21.16 -22.07 -6.98
C ARG A 180 -22.53 -22.20 -7.66
N LEU A 181 -23.32 -21.13 -7.67
CA LEU A 181 -24.62 -21.17 -8.34
C LEU A 181 -24.47 -21.38 -9.84
N LEU A 182 -23.47 -20.75 -10.45
CA LEU A 182 -23.20 -21.00 -11.87
C LEU A 182 -22.81 -22.45 -12.09
N ASP A 183 -21.93 -22.97 -11.23
CA ASP A 183 -21.47 -24.35 -11.35
C ASP A 183 -22.61 -25.35 -11.23
N LYS A 184 -23.61 -25.01 -10.43
CA LYS A 184 -24.76 -25.89 -10.21
C LYS A 184 -25.82 -25.73 -11.31
N GLY A 185 -25.58 -24.84 -12.27
CA GLY A 185 -26.45 -24.76 -13.42
C GLY A 185 -27.02 -23.40 -13.81
N ALA A 186 -26.86 -22.38 -12.97
CA ALA A 186 -27.32 -21.04 -13.36
C ALA A 186 -26.46 -20.50 -14.50
N LYS A 187 -27.07 -19.70 -15.37
CA LYS A 187 -26.30 -19.03 -16.40
C LYS A 187 -26.01 -17.56 -16.09
N LYS A 188 -26.91 -16.93 -15.32
N LYS A 188 -26.90 -16.96 -15.29
CA LYS A 188 -26.72 -15.54 -14.92
CA LYS A 188 -26.82 -15.54 -14.94
C LYS A 188 -27.09 -15.37 -13.46
C LYS A 188 -27.10 -15.38 -13.44
N ILE A 189 -26.22 -14.69 -12.73
CA ILE A 189 -26.39 -14.45 -11.30
C ILE A 189 -26.09 -12.99 -11.04
N ALA A 190 -26.64 -12.41 -9.99
CA ALA A 190 -26.24 -11.05 -9.59
C ALA A 190 -25.75 -11.07 -8.17
N ILE A 191 -24.79 -10.20 -7.88
CA ILE A 191 -24.41 -9.90 -6.50
C ILE A 191 -24.81 -8.45 -6.22
N LEU A 192 -25.55 -8.27 -5.14
CA LEU A 192 -26.04 -6.95 -4.72
C LEU A 192 -25.40 -6.64 -3.38
N ASP A 193 -24.50 -5.65 -3.38
CA ASP A 193 -23.67 -5.37 -2.19
C ASP A 193 -24.21 -4.14 -1.48
N VAL A 194 -24.89 -4.36 -0.35
CA VAL A 194 -25.54 -3.29 0.40
C VAL A 194 -24.75 -2.87 1.63
N ASP A 195 -23.61 -3.48 1.86
CA ASP A 195 -22.67 -3.01 2.89
C ASP A 195 -22.32 -1.54 2.59
N PHE A 196 -22.03 -0.78 3.64
CA PHE A 196 -21.65 0.63 3.46
C PHE A 196 -20.48 0.82 2.49
N HIS A 197 -19.52 -0.12 2.53
CA HIS A 197 -18.31 0.04 1.76
C HIS A 197 -18.47 -0.58 0.38
N HIS A 198 -17.81 -0.01 -0.62
CA HIS A 198 -17.80 -0.60 -1.96
C HIS A 198 -17.20 -1.99 -1.91
N GLY A 199 -17.85 -2.96 -2.55
CA GLY A 199 -17.27 -4.31 -2.69
C GLY A 199 -16.25 -4.35 -3.82
N ASN A 200 -15.11 -3.68 -3.60
CA ASN A 200 -14.10 -3.60 -4.64
C ASN A 200 -13.53 -4.95 -5.00
N GLY A 201 -13.43 -5.85 -4.03
CA GLY A 201 -12.96 -7.20 -4.32
C GLY A 201 -13.91 -7.93 -5.27
N THR A 202 -15.19 -7.85 -4.94
CA THR A 202 -16.19 -8.49 -5.80
C THR A 202 -16.20 -7.88 -7.20
N GLN A 203 -16.12 -6.56 -7.25
CA GLN A 203 -16.09 -5.88 -8.53
C GLN A 203 -14.92 -6.39 -9.36
N ASP A 204 -13.74 -6.46 -8.74
CA ASP A 204 -12.53 -6.91 -9.42
C ASP A 204 -12.73 -8.32 -9.99
N ILE A 205 -13.26 -9.23 -9.19
CA ILE A 205 -13.42 -10.62 -9.61
C ILE A 205 -14.27 -10.72 -10.87
N PHE A 206 -15.34 -9.92 -10.96
CA PHE A 206 -16.27 -10.08 -12.06
C PHE A 206 -16.22 -8.98 -13.10
N TYR A 207 -15.25 -8.09 -13.01
CA TYR A 207 -15.29 -6.88 -13.85
C TYR A 207 -15.27 -7.18 -15.35
N GLU A 208 -14.58 -8.26 -15.70
CA GLU A 208 -14.47 -8.66 -17.09
C GLU A 208 -15.29 -9.90 -17.41
N ARG A 209 -16.32 -10.15 -16.60
CA ARG A 209 -17.19 -11.30 -16.78
C ARG A 209 -18.61 -10.82 -17.03
N GLY A 210 -19.32 -11.51 -17.91
CA GLY A 210 -20.70 -11.16 -18.22
C GLY A 210 -21.74 -12.08 -17.61
N ASP A 211 -21.31 -13.05 -16.80
CA ASP A 211 -22.21 -14.03 -16.20
C ASP A 211 -22.71 -13.60 -14.82
N VAL A 212 -22.02 -12.66 -14.19
CA VAL A 212 -22.39 -12.20 -12.86
C VAL A 212 -22.47 -10.68 -12.88
N PHE A 213 -23.67 -10.14 -12.70
CA PHE A 213 -23.89 -8.71 -12.59
C PHE A 213 -23.50 -8.27 -11.18
N PHE A 214 -22.72 -7.20 -11.06
CA PHE A 214 -22.37 -6.69 -9.74
C PHE A 214 -22.95 -5.29 -9.53
N ALA A 215 -23.73 -5.12 -8.48
CA ALA A 215 -24.26 -3.81 -8.09
C ALA A 215 -23.85 -3.51 -6.66
N SER A 216 -23.42 -2.28 -6.40
CA SER A 216 -23.02 -1.88 -5.05
C SER A 216 -23.54 -0.50 -4.75
N LEU A 217 -24.09 -0.35 -3.55
CA LEU A 217 -24.47 0.96 -2.96
C LEU A 217 -23.46 1.20 -1.84
N HIS A 218 -22.90 2.41 -1.75
CA HIS A 218 -21.78 2.59 -0.83
C HIS A 218 -21.41 4.01 -0.64
N GLY A 219 -20.69 4.26 0.44
CA GLY A 219 -20.06 5.56 0.63
C GLY A 219 -19.16 5.91 -0.55
N ASP A 220 -19.26 7.15 -1.00
CA ASP A 220 -18.47 7.62 -2.15
C ASP A 220 -16.96 7.36 -1.89
N PRO A 221 -16.29 6.67 -2.84
CA PRO A 221 -14.89 6.35 -2.55
C PRO A 221 -14.00 7.59 -2.51
N ALA A 222 -14.45 8.73 -3.02
CA ALA A 222 -13.70 9.96 -2.82
C ALA A 222 -13.50 10.27 -1.33
N GLU A 223 -14.38 9.78 -0.46
N GLU A 223 -14.39 9.74 -0.49
CA GLU A 223 -14.25 10.03 0.98
CA GLU A 223 -14.44 10.03 0.94
C GLU A 223 -14.59 8.82 1.85
C GLU A 223 -14.37 8.80 1.87
N ALA A 224 -14.46 7.60 1.31
CA ALA A 224 -14.66 6.40 2.10
C ALA A 224 -13.81 5.27 1.60
N PHE A 225 -13.34 4.46 2.53
CA PHE A 225 -12.75 3.17 2.21
C PHE A 225 -13.70 2.41 1.28
N PRO A 226 -13.20 1.75 0.22
CA PRO A 226 -11.81 1.43 -0.08
C PRO A 226 -11.03 2.48 -0.87
N HIS A 227 -11.65 3.62 -1.15
N HIS A 227 -11.68 3.62 -1.15
CA HIS A 227 -10.91 4.81 -1.66
CA HIS A 227 -11.04 4.82 -1.75
C HIS A 227 -10.55 4.77 -3.15
C HIS A 227 -10.73 4.75 -3.25
N PHE A 228 -10.34 3.58 -3.73
CA PHE A 228 -9.73 3.49 -5.07
C PHE A 228 -10.53 2.70 -6.07
N LEU A 229 -11.81 2.51 -5.79
CA LEU A 229 -12.74 1.86 -6.71
C LEU A 229 -14.13 2.19 -6.21
N GLY A 230 -15.12 2.09 -7.08
CA GLY A 230 -16.49 2.33 -6.65
C GLY A 230 -17.15 3.54 -7.28
N TYR A 231 -16.46 4.20 -8.21
CA TYR A 231 -17.06 5.34 -8.90
C TYR A 231 -18.12 4.88 -9.89
N ALA A 232 -19.12 5.72 -10.10
CA ALA A 232 -20.23 5.40 -10.99
C ALA A 232 -19.79 5.12 -12.43
N GLU A 233 -18.68 5.71 -12.86
CA GLU A 233 -18.22 5.52 -14.23
C GLU A 233 -17.75 4.11 -14.52
N GLU A 234 -17.51 3.31 -13.49
CA GLU A 234 -16.99 1.96 -13.66
C GLU A 234 -18.14 1.01 -14.01
N THR A 235 -18.29 0.70 -15.29
CA THR A 235 -19.46 -0.08 -15.72
C THR A 235 -19.08 -1.44 -16.29
N GLY A 236 -17.78 -1.76 -16.32
CA GLY A 236 -17.32 -3.05 -16.84
C GLY A 236 -16.37 -2.96 -18.01
N LYS A 237 -15.69 -4.05 -18.31
N LYS A 237 -15.73 -4.07 -18.32
CA LYS A 237 -14.76 -4.10 -19.44
CA LYS A 237 -14.71 -4.15 -19.38
C LYS A 237 -14.89 -5.44 -20.13
C LYS A 237 -14.85 -5.47 -20.11
N GLY A 238 -14.63 -5.47 -21.43
CA GLY A 238 -14.67 -6.72 -22.19
C GLY A 238 -16.01 -7.42 -22.07
N ALA A 239 -15.99 -8.71 -21.73
CA ALA A 239 -17.23 -9.47 -21.56
C ALA A 239 -18.12 -8.90 -20.45
N GLY A 240 -17.52 -8.14 -19.53
CA GLY A 240 -18.25 -7.53 -18.43
C GLY A 240 -18.84 -6.15 -18.75
N ALA A 241 -18.80 -5.73 -20.01
CA ALA A 241 -19.36 -4.43 -20.37
C ALA A 241 -20.82 -4.33 -19.93
N GLY A 242 -21.14 -3.28 -19.20
CA GLY A 242 -22.51 -3.01 -18.78
C GLY A 242 -23.01 -3.81 -17.59
N THR A 243 -22.14 -4.59 -16.93
CA THR A 243 -22.61 -5.43 -15.82
C THR A 243 -21.96 -5.14 -14.48
N THR A 244 -21.41 -3.93 -14.34
CA THR A 244 -21.09 -3.38 -13.02
C THR A 244 -21.87 -2.08 -12.84
N ALA A 245 -22.57 -1.95 -11.72
CA ALA A 245 -23.34 -0.71 -11.43
C ALA A 245 -23.04 -0.25 -10.03
N ASN A 246 -22.33 0.87 -9.92
CA ASN A 246 -21.96 1.47 -8.63
C ASN A 246 -22.82 2.68 -8.34
N TYR A 247 -23.27 2.76 -7.09
CA TYR A 247 -24.11 3.86 -6.58
C TYR A 247 -23.42 4.49 -5.36
N PRO A 248 -22.42 5.33 -5.60
CA PRO A 248 -21.76 6.06 -4.51
C PRO A 248 -22.66 7.15 -3.96
N MET A 249 -22.68 7.30 -2.63
N MET A 249 -22.61 7.33 -2.64
CA MET A 249 -23.55 8.26 -1.96
CA MET A 249 -23.43 8.32 -1.99
C MET A 249 -22.78 8.94 -0.83
C MET A 249 -22.66 9.04 -0.90
N GLY A 250 -23.23 10.12 -0.43
CA GLY A 250 -22.50 10.98 0.48
C GLY A 250 -22.81 10.89 1.97
N ARG A 251 -22.22 11.80 2.73
CA ARG A 251 -22.34 11.78 4.16
C ARG A 251 -23.77 12.03 4.61
N GLY A 252 -24.22 11.24 5.58
CA GLY A 252 -25.53 11.39 6.17
C GLY A 252 -26.67 10.75 5.39
N THR A 253 -26.36 10.00 4.33
CA THR A 253 -27.43 9.47 3.48
C THR A 253 -28.42 8.66 4.29
N PRO A 254 -29.72 9.02 4.23
CA PRO A 254 -30.77 8.27 4.92
C PRO A 254 -31.47 7.29 3.97
N TYR A 255 -32.41 6.49 4.49
CA TYR A 255 -33.05 5.51 3.65
C TYR A 255 -33.86 6.14 2.52
N SER A 256 -34.41 7.32 2.73
CA SER A 256 -35.23 7.91 1.68
C SER A 256 -34.44 8.10 0.40
N VAL A 257 -33.14 8.38 0.52
CA VAL A 257 -32.24 8.47 -0.63
C VAL A 257 -31.63 7.11 -1.02
N TRP A 258 -31.11 6.40 -0.03
CA TRP A 258 -30.46 5.11 -0.28
C TRP A 258 -31.44 4.13 -0.97
N GLY A 259 -32.70 4.13 -0.53
CA GLY A 259 -33.71 3.26 -1.11
C GLY A 259 -33.97 3.52 -2.57
N GLU A 260 -33.77 4.76 -3.04
CA GLU A 260 -33.94 5.05 -4.45
C GLU A 260 -32.85 4.38 -5.25
N ALA A 261 -31.63 4.36 -4.75
CA ALA A 261 -30.56 3.64 -5.41
C ALA A 261 -30.85 2.13 -5.38
N LEU A 262 -31.39 1.63 -4.28
CA LEU A 262 -31.74 0.22 -4.23
C LEU A 262 -32.74 -0.14 -5.34
N THR A 263 -33.78 0.68 -5.50
CA THR A 263 -34.78 0.45 -6.54
C THR A 263 -34.11 0.40 -7.91
N ASP A 264 -33.20 1.32 -8.15
CA ASP A 264 -32.56 1.34 -9.46
C ASP A 264 -31.69 0.13 -9.67
N SER A 265 -30.95 -0.27 -8.64
CA SER A 265 -30.09 -1.44 -8.76
C SER A 265 -30.91 -2.68 -9.08
N LEU A 266 -32.09 -2.81 -8.46
CA LEU A 266 -32.92 -3.99 -8.69
C LEU A 266 -33.51 -3.99 -10.11
N LYS A 267 -33.82 -2.81 -10.63
N LYS A 267 -33.82 -2.81 -10.64
CA LYS A 267 -34.32 -2.69 -11.99
CA LYS A 267 -34.22 -2.66 -12.04
C LYS A 267 -33.27 -3.16 -12.99
C LYS A 267 -33.10 -3.18 -12.95
N ARG A 268 -32.01 -2.86 -12.72
N ARG A 268 -31.88 -2.77 -12.69
CA ARG A 268 -30.92 -3.27 -13.60
CA ARG A 268 -30.76 -3.21 -13.51
C ARG A 268 -30.59 -4.75 -13.46
C ARG A 268 -30.61 -4.73 -13.45
N ILE A 269 -30.70 -5.28 -12.25
CA ILE A 269 -30.54 -6.73 -12.05
C ILE A 269 -31.64 -7.51 -12.78
N ALA A 270 -32.87 -6.99 -12.74
CA ALA A 270 -33.97 -7.64 -13.41
C ALA A 270 -33.79 -7.60 -14.93
N ALA A 271 -33.29 -6.50 -15.46
CA ALA A 271 -33.07 -6.38 -16.90
C ALA A 271 -31.96 -7.31 -17.37
N PHE A 272 -30.98 -7.52 -16.52
CA PHE A 272 -29.89 -8.47 -16.77
C PHE A 272 -30.39 -9.91 -16.78
N GLY A 273 -31.40 -10.22 -15.97
CA GLY A 273 -32.00 -11.54 -15.96
C GLY A 273 -31.34 -12.48 -14.98
N ALA A 274 -30.91 -11.97 -13.83
CA ALA A 274 -30.33 -12.81 -12.80
C ALA A 274 -31.30 -13.91 -12.37
N GLU A 275 -30.78 -15.13 -12.21
CA GLU A 275 -31.61 -16.27 -11.79
C GLU A 275 -31.67 -16.34 -10.27
N ALA A 276 -30.75 -15.67 -9.61
CA ALA A 276 -30.72 -15.57 -8.15
C ALA A 276 -29.86 -14.37 -7.83
N ILE A 277 -30.05 -13.83 -6.63
CA ILE A 277 -29.25 -12.71 -6.18
C ILE A 277 -28.52 -13.11 -4.90
N VAL A 278 -27.20 -12.93 -4.90
CA VAL A 278 -26.39 -13.08 -3.69
C VAL A 278 -26.29 -11.68 -3.09
N VAL A 279 -26.81 -11.52 -1.88
CA VAL A 279 -26.81 -10.22 -1.23
C VAL A 279 -25.61 -10.16 -0.30
N SER A 280 -24.68 -9.27 -0.60
CA SER A 280 -23.56 -8.99 0.32
C SER A 280 -24.10 -8.02 1.37
N LEU A 281 -24.51 -8.56 2.51
CA LEU A 281 -25.19 -7.77 3.54
C LEU A 281 -24.21 -7.29 4.60
N GLY A 282 -23.87 -6.01 4.55
CA GLY A 282 -23.25 -5.37 5.70
C GLY A 282 -24.27 -4.44 6.32
N VAL A 283 -24.30 -4.34 7.63
CA VAL A 283 -25.21 -3.43 8.33
C VAL A 283 -24.42 -2.23 8.88
N ASP A 284 -23.25 -1.98 8.29
CA ASP A 284 -22.48 -0.78 8.63
C ASP A 284 -23.06 0.48 8.01
N THR A 285 -24.18 0.34 7.29
CA THR A 285 -25.01 1.48 6.88
C THR A 285 -25.81 2.10 8.04
N PHE A 286 -25.78 1.46 9.22
CA PHE A 286 -26.57 1.88 10.36
C PHE A 286 -26.12 3.23 10.90
N GLU A 287 -27.06 4.03 11.39
CA GLU A 287 -26.76 5.36 11.90
C GLU A 287 -25.77 5.37 13.07
N GLN A 288 -25.63 4.25 13.79
N GLN A 288 -25.65 4.24 13.78
CA GLN A 288 -24.65 4.21 14.89
CA GLN A 288 -24.69 4.16 14.88
C GLN A 288 -23.32 3.55 14.52
C GLN A 288 -23.44 3.35 14.56
N ASP A 289 -23.17 3.11 13.27
CA ASP A 289 -21.96 2.35 12.94
C ASP A 289 -20.70 3.22 13.18
N PRO A 290 -19.70 2.68 13.89
CA PRO A 290 -18.58 3.53 14.33
C PRO A 290 -17.63 3.94 13.21
N ILE A 291 -17.67 3.29 12.06
CA ILE A 291 -16.69 3.64 11.02
C ILE A 291 -17.32 4.14 9.71
N SER A 292 -18.62 4.43 9.72
CA SER A 292 -19.36 4.66 8.49
C SER A 292 -20.26 5.89 8.62
N PHE A 293 -20.75 6.41 7.49
CA PHE A 293 -21.45 7.69 7.50
C PHE A 293 -22.86 7.72 6.91
N PHE A 294 -23.50 6.56 6.82
CA PHE A 294 -24.92 6.54 6.45
C PHE A 294 -25.81 6.53 7.68
N LYS A 295 -27.10 6.76 7.45
CA LYS A 295 -28.03 7.00 8.55
C LYS A 295 -29.25 6.09 8.45
N LEU A 296 -29.05 4.82 8.14
CA LEU A 296 -30.19 3.89 8.16
C LEU A 296 -30.61 3.61 9.59
N THR A 297 -31.89 3.35 9.78
CA THR A 297 -32.43 3.05 11.12
C THR A 297 -32.74 1.54 11.15
N SER A 298 -32.94 1.00 12.35
CA SER A 298 -33.21 -0.43 12.44
C SER A 298 -34.46 -0.86 11.63
N PRO A 299 -35.56 -0.10 11.69
CA PRO A 299 -36.72 -0.48 10.85
C PRO A 299 -36.44 -0.48 9.34
N ASP A 300 -35.48 0.32 8.88
CA ASP A 300 -35.17 0.38 7.46
C ASP A 300 -34.68 -0.98 6.93
N TYR A 301 -34.05 -1.79 7.80
CA TYR A 301 -33.57 -3.08 7.34
C TYR A 301 -34.71 -4.03 6.96
N ILE A 302 -35.85 -3.92 7.63
CA ILE A 302 -37.01 -4.73 7.22
C ILE A 302 -37.44 -4.32 5.81
N THR A 303 -37.56 -3.02 5.58
CA THR A 303 -37.92 -2.49 4.28
C THR A 303 -36.96 -2.98 3.20
N MET A 304 -35.68 -2.92 3.53
CA MET A 304 -34.66 -3.36 2.59
C MET A 304 -34.82 -4.84 2.19
N GLY A 305 -34.94 -5.71 3.18
CA GLY A 305 -35.13 -7.13 2.89
C GLY A 305 -36.38 -7.41 2.09
N ARG A 306 -37.49 -6.72 2.41
N ARG A 306 -37.49 -6.74 2.42
CA ARG A 306 -38.73 -6.92 1.67
CA ARG A 306 -38.73 -6.91 1.66
C ARG A 306 -38.59 -6.47 0.21
C ARG A 306 -38.54 -6.50 0.20
N THR A 307 -37.92 -5.34 0.00
CA THR A 307 -37.75 -4.82 -1.35
C THR A 307 -36.86 -5.75 -2.19
N ILE A 308 -35.76 -6.22 -1.60
CA ILE A 308 -34.88 -7.11 -2.36
C ILE A 308 -35.60 -8.42 -2.71
N ALA A 309 -36.37 -8.96 -1.76
CA ALA A 309 -37.09 -10.22 -2.00
C ALA A 309 -38.27 -10.09 -2.97
N ALA A 310 -38.75 -8.86 -3.17
N ALA A 310 -38.79 -8.88 -3.17
CA ALA A 310 -39.86 -8.61 -4.08
CA ALA A 310 -40.06 -8.67 -3.86
C ALA A 310 -39.41 -8.70 -5.54
C ALA A 310 -40.24 -9.40 -5.21
N SER A 311 -38.12 -8.86 -5.75
N SER A 311 -39.15 -9.57 -5.95
CA SER A 311 -37.57 -9.20 -7.06
CA SER A 311 -39.24 -10.07 -7.33
C SER A 311 -38.20 -10.49 -7.56
C SER A 311 -39.55 -11.55 -7.37
N GLY A 312 -38.58 -11.34 -6.62
N GLY A 312 -39.24 -12.26 -6.30
CA GLY A 312 -39.20 -12.62 -6.96
CA GLY A 312 -39.47 -13.69 -6.28
C GLY A 312 -38.19 -13.68 -7.39
C GLY A 312 -38.22 -14.49 -6.61
N VAL A 313 -36.91 -13.45 -7.15
N VAL A 313 -37.21 -13.81 -7.16
CA VAL A 313 -35.92 -14.48 -7.44
CA VAL A 313 -35.96 -14.51 -7.44
C VAL A 313 -35.23 -14.90 -6.14
C VAL A 313 -35.32 -14.94 -6.11
N PRO A 314 -34.71 -16.13 -6.11
CA PRO A 314 -34.10 -16.62 -4.86
C PRO A 314 -32.93 -15.75 -4.37
N LEU A 315 -32.83 -15.61 -3.06
CA LEU A 315 -31.78 -14.82 -2.42
C LEU A 315 -30.88 -15.68 -1.56
N LEU A 316 -29.57 -15.47 -1.69
CA LEU A 316 -28.65 -15.92 -0.65
C LEU A 316 -28.12 -14.68 0.04
N VAL A 317 -28.36 -14.55 1.33
CA VAL A 317 -27.82 -13.41 2.09
C VAL A 317 -26.51 -13.84 2.69
N VAL A 318 -25.44 -13.09 2.40
CA VAL A 318 -24.08 -13.40 2.84
C VAL A 318 -23.58 -12.27 3.73
N MET A 319 -23.20 -12.61 4.95
CA MET A 319 -22.79 -11.58 5.91
C MET A 319 -21.46 -10.91 5.55
N GLU A 320 -21.45 -9.57 5.62
CA GLU A 320 -20.25 -8.75 5.42
C GLU A 320 -19.99 -7.97 6.71
N GLY A 321 -19.98 -6.63 6.65
CA GLY A 321 -19.63 -5.78 7.81
C GLY A 321 -20.79 -5.32 8.68
N GLY A 322 -20.51 -4.35 9.55
CA GLY A 322 -21.43 -3.88 10.60
C GLY A 322 -20.77 -4.09 11.96
N TYR A 323 -20.56 -3.02 12.72
CA TYR A 323 -19.62 -3.04 13.85
C TYR A 323 -20.14 -2.37 15.12
N GLY A 324 -19.45 -2.65 16.22
CA GLY A 324 -19.48 -1.79 17.39
C GLY A 324 -20.54 -2.06 18.43
N VAL A 325 -21.77 -2.23 17.97
CA VAL A 325 -22.91 -2.32 18.90
C VAL A 325 -23.71 -3.58 18.69
N PRO A 326 -24.32 -4.10 19.77
CA PRO A 326 -25.07 -5.35 19.62
C PRO A 326 -26.24 -5.25 18.63
N GLU A 327 -26.71 -4.03 18.34
CA GLU A 327 -27.77 -3.85 17.37
C GLU A 327 -27.42 -4.28 15.96
N ILE A 328 -26.15 -4.56 15.67
CA ILE A 328 -25.84 -5.19 14.40
C ILE A 328 -26.69 -6.46 14.19
N GLY A 329 -26.93 -7.17 15.28
CA GLY A 329 -27.75 -8.36 15.18
C GLY A 329 -29.20 -8.07 14.82
N LEU A 330 -29.81 -7.13 15.54
CA LEU A 330 -31.18 -6.71 15.21
C LEU A 330 -31.27 -6.30 13.75
N ASN A 331 -30.27 -5.55 13.27
CA ASN A 331 -30.32 -5.07 11.91
C ASN A 331 -30.27 -6.20 10.89
N VAL A 332 -29.37 -7.17 11.10
CA VAL A 332 -29.31 -8.36 10.23
C VAL A 332 -30.63 -9.13 10.30
N ALA A 333 -31.10 -9.39 11.51
CA ALA A 333 -32.35 -10.12 11.70
C ALA A 333 -33.50 -9.42 10.99
N ASN A 334 -33.52 -8.08 11.01
CA ASN A 334 -34.56 -7.33 10.34
C ASN A 334 -34.53 -7.51 8.83
N VAL A 335 -33.33 -7.58 8.23
CA VAL A 335 -33.29 -7.87 6.79
C VAL A 335 -33.94 -9.24 6.52
N LEU A 336 -33.60 -10.22 7.35
CA LEU A 336 -34.18 -11.57 7.20
C LEU A 336 -35.69 -11.56 7.40
N LYS A 337 -36.19 -10.78 8.36
CA LYS A 337 -37.64 -10.64 8.55
C LYS A 337 -38.29 -10.07 7.30
N GLY A 338 -37.64 -9.10 6.66
CA GLY A 338 -38.18 -8.52 5.44
C GLY A 338 -38.21 -9.54 4.30
N VAL A 339 -37.16 -10.34 4.18
CA VAL A 339 -37.13 -11.41 3.18
C VAL A 339 -38.22 -12.46 3.43
N ALA A 340 -38.40 -12.86 4.68
CA ALA A 340 -39.27 -13.99 5.02
C ALA A 340 -40.74 -13.62 5.16
N GLY A 341 -41.04 -12.34 5.33
CA GLY A 341 -42.38 -11.89 5.61
C GLY A 341 -43.35 -11.89 4.45
N MET B 1 36.80 20.01 1.15
N MET B 1 36.68 20.06 1.38
CA MET B 1 35.43 19.84 0.68
CA MET B 1 35.38 19.70 0.83
C MET B 1 34.42 20.45 1.66
C MET B 1 34.23 20.22 1.69
N ARG B 2 33.38 21.06 1.12
CA ARG B 2 32.35 21.66 1.92
C ARG B 2 31.24 20.66 2.24
N VAL B 3 30.73 20.75 3.46
CA VAL B 3 29.64 19.93 3.95
C VAL B 3 28.47 20.88 4.19
N ILE B 4 27.34 20.61 3.54
N ILE B 4 27.32 20.57 3.59
CA ILE B 4 26.12 21.39 3.73
CA ILE B 4 26.12 21.39 3.73
C ILE B 4 25.19 20.61 4.65
C ILE B 4 25.12 20.64 4.59
N PHE B 5 24.72 21.24 5.72
CA PHE B 5 23.93 20.55 6.72
C PHE B 5 23.02 21.53 7.42
N SER B 6 21.74 21.18 7.52
CA SER B 6 20.76 21.98 8.26
C SER B 6 20.37 21.33 9.60
N GLU B 7 20.46 22.09 10.70
CA GLU B 7 19.93 21.64 11.97
C GLU B 7 18.42 21.40 11.92
N ASP B 8 17.74 21.91 10.89
CA ASP B 8 16.29 21.72 10.77
C ASP B 8 15.89 20.29 10.40
N HIS B 9 16.87 19.41 10.17
CA HIS B 9 16.53 17.99 10.00
C HIS B 9 15.77 17.52 11.24
N LYS B 10 16.08 18.11 12.39
CA LYS B 10 15.54 17.67 13.69
C LYS B 10 14.03 17.85 13.77
N LEU B 11 13.49 18.72 12.93
CA LEU B 11 12.04 18.91 12.87
C LEU B 11 11.32 17.61 12.49
N ARG B 12 12.00 16.70 11.78
CA ARG B 12 11.46 15.36 11.66
C ARG B 12 12.03 14.50 12.78
N ASN B 13 11.18 14.27 13.77
CA ASN B 13 11.52 13.42 14.91
C ASN B 13 10.28 12.56 15.17
N ALA B 14 9.97 11.71 14.21
CA ALA B 14 8.77 10.90 14.26
C ALA B 14 8.84 9.90 15.42
N LYS B 15 7.68 9.64 16.00
CA LYS B 15 7.60 8.72 17.14
C LYS B 15 7.56 7.27 16.73
N THR B 16 7.00 6.98 15.56
CA THR B 16 6.67 5.60 15.19
C THR B 16 7.01 5.23 13.76
N GLU B 17 7.29 3.95 13.59
CA GLU B 17 7.49 3.31 12.30
C GLU B 17 6.84 1.93 12.44
N LEU B 18 6.08 1.54 11.41
CA LEU B 18 5.47 0.22 11.39
C LEU B 18 6.53 -0.77 10.91
N TYR B 19 6.97 -1.65 11.82
CA TYR B 19 8.02 -2.62 11.54
C TYR B 19 7.65 -3.95 12.21
N GLY B 20 7.57 -5.02 11.44
CA GLY B 20 7.24 -6.33 11.99
C GLY B 20 5.89 -6.36 12.68
N GLY B 21 4.94 -5.59 12.17
CA GLY B 21 3.61 -5.53 12.74
C GLY B 21 3.48 -4.76 14.03
N GLU B 22 4.51 -4.01 14.39
CA GLU B 22 4.51 -3.20 15.62
C GLU B 22 4.84 -1.77 15.27
N LEU B 23 4.39 -0.85 16.09
CA LEU B 23 4.78 0.54 15.94
C LEU B 23 5.95 0.81 16.90
N VAL B 24 7.14 1.00 16.33
CA VAL B 24 8.38 1.07 17.07
C VAL B 24 9.05 2.41 16.78
N PRO B 25 10.05 2.80 17.60
CA PRO B 25 10.70 4.05 17.22
C PRO B 25 11.45 3.88 15.88
N PRO B 26 11.48 4.93 15.05
CA PRO B 26 12.01 4.78 13.69
C PRO B 26 13.50 4.54 13.60
N PHE B 27 13.91 3.77 12.59
CA PHE B 27 15.32 3.62 12.29
C PHE B 27 15.92 4.95 11.81
N GLU B 28 15.15 5.74 11.06
CA GLU B 28 15.65 6.98 10.47
C GLU B 28 15.41 8.12 11.46
N ALA B 29 16.27 8.25 12.46
CA ALA B 29 16.06 9.13 13.59
C ALA B 29 17.17 10.19 13.65
N PRO B 30 16.92 11.30 14.35
CA PRO B 30 17.89 12.43 14.35
C PRO B 30 19.31 12.07 14.80
N PHE B 31 19.48 11.08 15.65
CA PHE B 31 20.83 10.69 16.06
C PHE B 31 21.70 10.31 14.86
N ARG B 32 21.11 9.85 13.74
CA ARG B 32 21.90 9.53 12.56
C ARG B 32 22.69 10.73 12.08
N ALA B 33 22.02 11.88 11.98
CA ALA B 33 22.70 13.07 11.53
C ALA B 33 23.78 13.49 12.52
N GLU B 34 23.50 13.37 13.81
CA GLU B 34 24.51 13.68 14.82
C GLU B 34 25.76 12.83 14.61
N TRP B 35 25.60 11.52 14.45
CA TRP B 35 26.72 10.59 14.30
C TRP B 35 27.50 10.87 13.02
N ILE B 36 26.79 11.14 11.93
CA ILE B 36 27.47 11.37 10.67
C ILE B 36 28.24 12.71 10.73
N LEU B 37 27.61 13.76 11.26
CA LEU B 37 28.27 15.05 11.31
C LEU B 37 29.53 14.97 12.17
N ALA B 38 29.44 14.32 13.33
CA ALA B 38 30.61 14.22 14.17
C ALA B 38 31.76 13.46 13.48
N ALA B 39 31.43 12.39 12.75
CA ALA B 39 32.45 11.61 12.09
C ALA B 39 33.11 12.34 10.93
N VAL B 40 32.34 13.11 10.17
CA VAL B 40 32.95 13.82 9.06
C VAL B 40 33.88 14.91 9.60
N LYS B 41 33.47 15.57 10.70
CA LYS B 41 34.35 16.57 11.31
C LYS B 41 35.61 15.90 11.85
N GLU B 42 35.47 14.73 12.46
CA GLU B 42 36.61 14.03 13.03
C GLU B 42 37.63 13.65 11.94
N ALA B 43 37.13 13.40 10.74
CA ALA B 43 37.95 13.05 9.58
C ALA B 43 38.54 14.29 8.89
N GLY B 44 38.27 15.46 9.45
CA GLY B 44 38.89 16.68 8.93
C GLY B 44 37.98 17.50 8.03
N PHE B 45 36.75 17.05 7.82
CA PHE B 45 35.79 17.78 6.99
C PHE B 45 35.00 18.72 7.88
N ASP B 46 35.62 19.82 8.26
CA ASP B 46 34.98 20.73 9.21
C ASP B 46 34.46 22.01 8.57
N ASP B 47 34.50 22.12 7.24
CA ASP B 47 33.92 23.26 6.55
C ASP B 47 32.41 23.00 6.38
N VAL B 48 31.70 23.14 7.48
CA VAL B 48 30.28 22.82 7.55
C VAL B 48 29.48 24.09 7.52
N VAL B 49 28.51 24.17 6.63
CA VAL B 49 27.70 25.38 6.49
C VAL B 49 26.25 24.99 6.35
N ALA B 50 25.36 25.83 6.87
CA ALA B 50 23.93 25.67 6.68
C ALA B 50 23.55 26.04 5.25
N PRO B 51 22.53 25.38 4.68
CA PRO B 51 22.06 25.79 3.35
C PRO B 51 21.27 27.09 3.44
N ALA B 52 21.30 27.86 2.37
CA ALA B 52 20.29 28.90 2.20
C ALA B 52 18.95 28.23 2.01
N ARG B 53 17.87 28.91 2.37
N ARG B 53 17.87 28.90 2.38
CA ARG B 53 16.55 28.35 2.11
CA ARG B 53 16.56 28.34 2.10
C ARG B 53 16.18 28.48 0.64
C ARG B 53 16.26 28.43 0.60
N HIS B 54 15.40 27.53 0.14
CA HIS B 54 14.94 27.57 -1.25
C HIS B 54 13.47 27.34 -1.32
N GLY B 55 12.84 27.99 -2.28
CA GLY B 55 11.45 27.72 -2.63
C GLY B 55 11.33 26.50 -3.52
N LEU B 56 10.22 26.41 -4.23
CA LEU B 56 9.87 25.19 -4.94
C LEU B 56 10.26 25.13 -6.42
N GLU B 57 10.99 26.15 -6.92
CA GLU B 57 11.31 26.20 -8.34
C GLU B 57 11.91 24.90 -8.88
N THR B 58 12.98 24.44 -8.26
CA THR B 58 13.66 23.28 -8.78
C THR B 58 12.84 22.00 -8.55
N VAL B 59 12.29 21.86 -7.34
CA VAL B 59 11.63 20.61 -6.99
C VAL B 59 10.37 20.37 -7.84
N LEU B 60 9.69 21.43 -8.29
CA LEU B 60 8.52 21.26 -9.14
C LEU B 60 8.83 20.61 -10.49
N LYS B 61 10.12 20.57 -10.84
CA LYS B 61 10.51 19.95 -12.11
C LYS B 61 10.75 18.44 -11.97
N VAL B 62 10.77 17.92 -10.73
CA VAL B 62 10.93 16.49 -10.51
C VAL B 62 9.77 15.86 -9.75
N HIS B 63 9.06 16.63 -8.92
CA HIS B 63 7.88 16.12 -8.22
C HIS B 63 6.62 16.80 -8.72
N ASP B 64 5.53 16.05 -8.68
CA ASP B 64 4.20 16.53 -9.00
C ASP B 64 3.73 17.61 -8.03
N ALA B 65 3.07 18.64 -8.55
CA ALA B 65 2.61 19.74 -7.72
C ALA B 65 1.56 19.31 -6.68
N GLY B 66 0.63 18.47 -7.09
CA GLY B 66 -0.38 17.93 -6.18
C GLY B 66 0.25 17.19 -5.01
N TYR B 67 1.26 16.39 -5.30
CA TYR B 67 2.01 15.67 -4.26
C TYR B 67 2.66 16.64 -3.27
N LEU B 68 3.33 17.67 -3.77
CA LEU B 68 3.98 18.62 -2.88
C LEU B 68 2.95 19.38 -2.04
N ASN B 69 1.82 19.73 -2.65
CA ASN B 69 0.74 20.38 -1.91
C ASN B 69 0.18 19.47 -0.82
N PHE B 70 0.07 18.18 -1.13
CA PHE B 70 -0.38 17.22 -0.15
C PHE B 70 0.58 17.15 1.05
N LEU B 71 1.88 17.09 0.80
CA LEU B 71 2.83 16.99 1.89
C LEU B 71 2.80 18.21 2.79
N GLU B 72 2.56 19.38 2.20
N GLU B 72 2.57 19.38 2.19
CA GLU B 72 2.59 20.64 2.93
CA GLU B 72 2.58 20.63 2.93
C GLU B 72 1.49 20.70 4.00
C GLU B 72 1.51 20.66 4.03
N THR B 73 0.36 20.06 3.74
CA THR B 73 -0.76 20.11 4.69
C THR B 73 -1.17 18.78 5.31
N ALA B 74 -0.44 17.72 5.01
CA ALA B 74 -0.87 16.38 5.42
C ALA B 74 -1.05 16.24 6.94
N TRP B 75 -0.05 16.72 7.69
CA TRP B 75 -0.11 16.61 9.13
C TRP B 75 -1.29 17.38 9.69
N ASP B 76 -1.45 18.62 9.24
CA ASP B 76 -2.55 19.46 9.74
C ASP B 76 -3.90 18.78 9.49
N ARG B 77 -4.06 18.22 8.30
CA ARG B 77 -5.32 17.58 7.94
C ARG B 77 -5.57 16.29 8.72
N TRP B 78 -4.52 15.52 8.95
CA TRP B 78 -4.64 14.29 9.73
C TRP B 78 -5.10 14.61 11.14
N LYS B 79 -4.44 15.59 11.74
CA LYS B 79 -4.77 16.00 13.10
C LYS B 79 -6.19 16.55 13.17
N ALA B 80 -6.60 17.31 12.16
CA ALA B 80 -7.93 17.91 12.14
C ALA B 80 -9.03 16.86 11.97
N ALA B 81 -8.68 15.73 11.38
CA ALA B 81 -9.64 14.65 11.17
C ALA B 81 -9.85 13.84 12.44
N GLY B 82 -9.10 14.15 13.48
CA GLY B 82 -9.27 13.54 14.79
C GLY B 82 -8.45 12.28 15.08
N TYR B 83 -7.61 11.85 14.14
CA TYR B 83 -6.77 10.66 14.39
C TYR B 83 -5.73 10.90 15.47
N LYS B 84 -5.46 9.87 16.28
CA LYS B 84 -4.62 10.02 17.46
C LYS B 84 -3.14 9.65 17.30
N GLY B 85 -2.84 8.79 16.33
CA GLY B 85 -1.46 8.42 16.05
C GLY B 85 -0.85 9.34 15.00
N GLU B 86 0.34 9.02 14.54
CA GLU B 86 0.94 9.76 13.45
C GLU B 86 0.25 9.35 12.15
N ALA B 87 0.56 10.04 11.08
CA ALA B 87 -0.20 9.87 9.85
C ALA B 87 0.41 8.73 9.05
N ILE B 88 -0.32 7.61 9.00
CA ILE B 88 0.14 6.38 8.36
C ILE B 88 -0.94 5.89 7.39
N ALA B 89 -0.56 5.73 6.14
CA ALA B 89 -1.46 5.24 5.10
C ALA B 89 -1.79 3.78 5.29
N THR B 90 -3.00 3.41 4.92
N THR B 90 -3.01 3.38 4.97
CA THR B 90 -3.45 2.03 4.98
CA THR B 90 -3.34 1.95 5.05
C THR B 90 -3.95 1.50 3.63
C THR B 90 -4.22 1.42 3.91
N SER B 91 -4.81 2.24 2.94
N SER B 91 -4.46 2.23 2.88
CA SER B 91 -5.27 1.83 1.62
CA SER B 91 -5.18 1.75 1.70
C SER B 91 -4.38 2.36 0.55
C SER B 91 -4.49 2.37 0.50
N PHE B 92 -4.14 1.54 -0.47
CA PHE B 92 -3.26 1.94 -1.56
C PHE B 92 -3.87 1.66 -2.94
N PRO B 93 -3.51 2.49 -3.92
CA PRO B 93 -3.99 2.26 -5.29
C PRO B 93 -3.14 1.19 -5.98
N VAL B 94 -3.52 -0.07 -5.78
CA VAL B 94 -2.75 -1.21 -6.23
C VAL B 94 -3.33 -1.72 -7.55
N ARG B 95 -3.21 -2.99 -7.86
CA ARG B 95 -3.62 -3.51 -9.17
C ARG B 95 -5.09 -3.19 -9.48
N ARG B 96 -5.36 -2.72 -10.70
CA ARG B 96 -6.71 -2.62 -11.24
C ARG B 96 -7.59 -1.67 -10.41
N THR B 97 -7.00 -0.59 -9.95
CA THR B 97 -7.74 0.45 -9.21
C THR B 97 -8.05 1.63 -10.13
N SER B 98 -8.99 2.45 -9.70
CA SER B 98 -9.25 3.74 -10.33
C SER B 98 -8.03 4.63 -10.21
N PRO B 99 -7.77 5.48 -11.22
CA PRO B 99 -6.69 6.46 -11.14
C PRO B 99 -7.07 7.72 -10.40
N ARG B 100 -8.33 7.81 -9.94
CA ARG B 100 -8.80 9.06 -9.34
C ARG B 100 -8.15 9.33 -7.99
N ILE B 101 -8.04 10.61 -7.68
CA ILE B 101 -7.47 11.06 -6.43
C ILE B 101 -8.62 11.30 -5.43
N PRO B 102 -8.59 10.62 -4.27
CA PRO B 102 -9.61 10.90 -3.25
C PRO B 102 -9.58 12.34 -2.75
N THR B 103 -10.60 12.76 -2.02
CA THR B 103 -10.59 14.11 -1.47
C THR B 103 -10.19 14.19 0.00
N ASP B 104 -10.40 13.10 0.73
N ASP B 104 -10.43 13.12 0.76
CA ASP B 104 -10.18 13.11 2.18
CA ASP B 104 -10.16 13.22 2.19
C ASP B 104 -8.72 12.81 2.50
C ASP B 104 -8.74 12.78 2.52
N ILE B 105 -8.32 13.06 3.74
CA ILE B 105 -6.94 12.81 4.14
C ILE B 105 -6.57 11.33 4.14
N GLU B 106 -7.47 10.44 4.57
CA GLU B 106 -7.15 9.01 4.57
C GLU B 106 -6.95 8.50 3.16
N GLY B 107 -7.85 8.86 2.26
CA GLY B 107 -7.67 8.45 0.89
C GLY B 107 -6.43 9.06 0.25
N GLN B 108 -6.20 10.34 0.48
CA GLN B 108 -5.05 11.00 -0.15
C GLN B 108 -3.72 10.50 0.38
N ILE B 109 -3.61 10.22 1.66
CA ILE B 109 -2.30 9.76 2.16
C ILE B 109 -1.94 8.44 1.49
N GLY B 110 -2.93 7.57 1.26
CA GLY B 110 -2.68 6.34 0.52
C GLY B 110 -2.34 6.59 -0.94
N TYR B 111 -3.09 7.49 -1.56
CA TYR B 111 -2.81 7.82 -2.95
C TYR B 111 -1.35 8.23 -3.15
N TYR B 112 -0.84 9.03 -2.20
CA TYR B 112 0.49 9.62 -2.33
C TYR B 112 1.58 8.84 -1.60
N CYS B 113 1.35 7.57 -1.27
CA CYS B 113 2.32 6.78 -0.51
C CYS B 113 2.64 5.45 -1.20
N ASN B 114 3.89 5.03 -1.14
CA ASN B 114 4.31 3.74 -1.70
C ASN B 114 4.69 2.74 -0.61
N ALA B 115 4.69 3.16 0.64
CA ALA B 115 5.22 2.33 1.72
C ALA B 115 4.74 2.84 3.09
N ALA B 116 3.97 2.03 3.80
CA ALA B 116 3.29 2.44 5.02
C ALA B 116 4.15 2.45 6.27
N GLU B 117 5.41 1.99 6.20
CA GLU B 117 6.24 2.05 7.39
C GLU B 117 6.57 3.48 7.76
N THR B 118 6.45 4.41 6.80
CA THR B 118 6.84 5.80 6.98
C THR B 118 5.64 6.64 7.41
N ALA B 119 5.69 7.15 8.63
CA ALA B 119 4.64 8.02 9.17
C ALA B 119 4.98 9.46 8.90
N ILE B 120 3.97 10.27 8.59
CA ILE B 120 4.14 11.73 8.56
C ILE B 120 3.87 12.26 9.96
N SER B 121 4.77 13.11 10.43
CA SER B 121 4.72 13.67 11.77
C SER B 121 4.83 15.19 11.70
N PRO B 122 4.45 15.90 12.76
CA PRO B 122 4.61 17.35 12.73
C PRO B 122 6.07 17.73 12.53
N GLY B 123 6.33 18.67 11.64
CA GLY B 123 7.69 19.08 11.35
C GLY B 123 8.28 18.35 10.14
N THR B 124 7.63 17.30 9.66
CA THR B 124 8.17 16.52 8.53
C THR B 124 8.38 17.33 7.27
N TRP B 125 7.36 18.11 6.88
CA TRP B 125 7.49 18.95 5.69
C TRP B 125 8.63 19.95 5.80
N GLU B 126 8.68 20.64 6.93
N GLU B 126 8.70 20.68 6.91
CA GLU B 126 9.72 21.63 7.20
CA GLU B 126 9.79 21.65 7.09
C GLU B 126 11.12 21.00 7.17
C GLU B 126 11.14 20.94 7.05
N ALA B 127 11.25 19.80 7.73
CA ALA B 127 12.51 19.06 7.71
C ALA B 127 12.89 18.67 6.27
N ALA B 128 11.91 18.17 5.52
CA ALA B 128 12.17 17.74 4.16
C ALA B 128 12.63 18.93 3.31
N LEU B 129 12.02 20.09 3.51
CA LEU B 129 12.44 21.28 2.76
C LEU B 129 13.86 21.69 3.10
N SER B 130 14.27 21.52 4.35
CA SER B 130 15.63 21.86 4.75
C SER B 130 16.63 20.88 4.13
N SER B 131 16.25 19.61 4.05
CA SER B 131 17.09 18.58 3.48
C SER B 131 17.25 18.83 1.96
N MET B 132 16.16 19.19 1.31
CA MET B 132 16.21 19.58 -0.08
C MET B 132 17.15 20.77 -0.28
N ALA B 133 17.07 21.75 0.62
CA ALA B 133 17.92 22.92 0.53
C ALA B 133 19.40 22.53 0.63
N SER B 134 19.75 21.58 1.49
CA SER B 134 21.13 21.14 1.54
C SER B 134 21.60 20.54 0.22
N ALA B 135 20.71 19.77 -0.42
CA ALA B 135 21.04 19.20 -1.71
C ALA B 135 21.19 20.28 -2.78
N ILE B 136 20.30 21.29 -2.76
CA ILE B 136 20.39 22.37 -3.76
C ILE B 136 21.68 23.17 -3.58
N ASP B 137 22.03 23.52 -2.34
CA ASP B 137 23.28 24.27 -2.14
C ASP B 137 24.51 23.46 -2.53
N GLY B 138 24.47 22.15 -2.31
CA GLY B 138 25.55 21.28 -2.72
C GLY B 138 25.67 21.30 -4.23
N ALA B 139 24.54 21.17 -4.93
CA ALA B 139 24.54 21.22 -6.38
C ALA B 139 25.10 22.54 -6.88
N ASP B 140 24.74 23.65 -6.21
CA ASP B 140 25.20 24.95 -6.66
C ASP B 140 26.72 25.07 -6.53
N LEU B 141 27.31 24.41 -5.52
CA LEU B 141 28.77 24.42 -5.37
C LEU B 141 29.41 23.71 -6.57
N ILE B 142 28.82 22.59 -6.97
CA ILE B 142 29.34 21.84 -8.10
C ILE B 142 29.20 22.66 -9.37
N ALA B 143 28.02 23.24 -9.57
CA ALA B 143 27.77 24.07 -10.74
C ALA B 143 28.75 25.24 -10.84
N ALA B 144 29.19 25.74 -9.69
CA ALA B 144 30.08 26.90 -9.66
C ALA B 144 31.55 26.49 -9.80
N GLY B 145 31.82 25.19 -9.83
CA GLY B 145 33.16 24.73 -10.12
C GLY B 145 33.86 23.77 -9.16
N HIS B 146 33.27 23.52 -8.00
N HIS B 146 33.28 23.53 -7.99
CA HIS B 146 33.87 22.57 -7.06
CA HIS B 146 33.89 22.57 -7.07
C HIS B 146 33.78 21.14 -7.60
C HIS B 146 33.82 21.17 -7.68
N LYS B 147 34.82 20.36 -7.36
CA LYS B 147 34.82 18.98 -7.83
C LYS B 147 34.20 17.97 -6.87
N ALA B 148 33.95 18.39 -5.63
CA ALA B 148 33.30 17.54 -4.65
C ALA B 148 32.61 18.40 -3.60
N ALA B 149 31.49 17.91 -3.08
CA ALA B 149 30.83 18.52 -1.94
C ALA B 149 29.97 17.42 -1.33
N PHE B 150 29.59 17.59 -0.07
CA PHE B 150 28.74 16.63 0.63
C PHE B 150 27.51 17.33 1.21
N SER B 151 26.34 16.91 0.76
CA SER B 151 25.07 17.38 1.31
C SER B 151 24.59 16.37 2.33
N LEU B 152 24.64 16.74 3.60
CA LEU B 152 24.23 15.85 4.70
C LEU B 152 22.72 15.97 4.84
N CYS B 153 22.02 15.34 3.91
CA CYS B 153 20.57 15.34 3.87
C CYS B 153 19.97 14.43 4.92
N ARG B 154 18.94 14.91 5.58
CA ARG B 154 18.07 14.12 6.46
C ARG B 154 16.79 14.93 6.58
N PRO B 155 15.62 14.35 6.26
CA PRO B 155 15.39 12.97 5.81
C PRO B 155 15.99 12.68 4.44
N PRO B 156 16.19 11.39 4.16
CA PRO B 156 16.72 10.96 2.88
C PRO B 156 15.66 11.10 1.80
N GLY B 157 16.04 10.75 0.57
CA GLY B 157 15.21 11.10 -0.58
C GLY B 157 14.91 10.02 -1.61
N HIS B 158 15.69 8.95 -1.70
CA HIS B 158 15.67 8.17 -2.94
C HIS B 158 14.44 7.29 -3.18
N HIS B 159 13.61 7.07 -2.15
CA HIS B 159 12.36 6.35 -2.33
C HIS B 159 11.18 7.24 -2.70
N ALA B 160 11.37 8.56 -2.70
CA ALA B 160 10.29 9.49 -3.07
C ALA B 160 10.25 9.57 -4.58
N GLY B 161 9.13 9.14 -5.15
CA GLY B 161 8.97 9.15 -6.59
C GLY B 161 8.26 10.41 -7.04
N ILE B 162 7.77 10.42 -8.28
CA ILE B 162 7.17 11.64 -8.81
C ILE B 162 6.09 12.17 -7.87
N ASP B 163 5.23 11.25 -7.42
CA ASP B 163 4.10 11.63 -6.58
C ASP B 163 3.84 10.64 -5.46
N MET B 164 4.90 10.12 -4.85
N MET B 164 4.90 10.12 -4.86
N MET B 164 4.91 10.14 -4.86
CA MET B 164 4.70 9.26 -3.67
CA MET B 164 4.72 9.25 -3.69
CA MET B 164 4.80 9.22 -3.73
C MET B 164 5.87 9.29 -2.71
C MET B 164 5.88 9.33 -2.71
C MET B 164 5.91 9.41 -2.70
N PHE B 165 5.53 9.29 -1.42
CA PHE B 165 6.51 9.21 -0.34
C PHE B 165 6.60 7.79 0.19
N GLY B 166 7.68 7.45 0.88
CA GLY B 166 7.83 6.14 1.50
C GLY B 166 9.29 5.87 1.74
N GLY B 167 9.59 4.75 2.41
CA GLY B 167 10.97 4.41 2.70
C GLY B 167 11.75 5.52 3.40
N TYR B 168 11.04 6.27 4.26
CA TYR B 168 11.62 7.32 5.11
C TYR B 168 11.87 8.62 4.33
N CYS B 169 11.37 8.68 3.10
CA CYS B 169 11.70 9.76 2.15
C CYS B 169 10.46 10.52 1.70
N PHE B 170 10.61 11.83 1.49
CA PHE B 170 9.51 12.72 1.11
C PHE B 170 9.84 13.55 -0.11
N ILE B 171 11.02 14.15 -0.13
CA ILE B 171 11.47 14.90 -1.30
C ILE B 171 12.73 14.22 -1.79
N ASN B 172 12.80 13.96 -3.10
CA ASN B 172 13.94 13.24 -3.63
C ASN B 172 15.12 14.21 -3.81
N ASN B 173 15.92 14.32 -2.76
CA ASN B 173 17.01 15.29 -2.71
C ASN B 173 17.98 15.12 -3.88
N ALA B 174 18.34 13.87 -4.17
CA ALA B 174 19.28 13.62 -5.26
C ALA B 174 18.69 14.04 -6.60
N ALA B 175 17.41 13.76 -6.81
CA ALA B 175 16.75 14.20 -8.04
C ALA B 175 16.73 15.71 -8.16
N VAL B 176 16.40 16.38 -7.05
CA VAL B 176 16.42 17.83 -7.04
C VAL B 176 17.82 18.36 -7.36
N ALA B 177 18.86 17.76 -6.76
CA ALA B 177 20.22 18.19 -7.06
C ALA B 177 20.56 18.01 -8.55
N ALA B 178 20.17 16.86 -9.13
CA ALA B 178 20.45 16.63 -10.55
C ALA B 178 19.76 17.69 -11.41
N GLN B 179 18.50 17.95 -11.10
CA GLN B 179 17.73 18.97 -11.82
C GLN B 179 18.39 20.35 -11.68
N ARG B 180 18.88 20.64 -10.47
CA ARG B 180 19.54 21.92 -10.25
C ARG B 180 20.78 22.07 -11.14
N LEU B 181 21.56 20.99 -11.29
CA LEU B 181 22.75 21.03 -12.14
C LEU B 181 22.37 21.24 -13.60
N LEU B 182 21.27 20.62 -14.04
CA LEU B 182 20.77 20.87 -15.40
C LEU B 182 20.34 22.33 -15.54
N ASP B 183 19.61 22.83 -14.55
CA ASP B 183 19.17 24.22 -14.57
C ASP B 183 20.32 25.22 -14.61
N LYS B 184 21.44 24.88 -14.00
CA LYS B 184 22.62 25.75 -13.98
C LYS B 184 23.46 25.60 -15.25
N GLY B 185 23.08 24.71 -16.16
CA GLY B 185 23.73 24.64 -17.46
C GLY B 185 24.21 23.28 -17.94
N ALA B 186 24.17 22.25 -17.11
CA ALA B 186 24.57 20.92 -17.56
C ALA B 186 23.53 20.40 -18.54
N LYS B 187 23.97 19.57 -19.48
CA LYS B 187 23.02 18.90 -20.38
C LYS B 187 22.81 17.43 -20.00
N LYS B 188 23.81 16.83 -19.38
CA LYS B 188 23.77 15.42 -19.00
C LYS B 188 24.34 15.24 -17.62
N ILE B 189 23.59 14.56 -16.77
CA ILE B 189 23.97 14.33 -15.37
C ILE B 189 23.71 12.87 -15.07
N ALA B 190 24.45 12.27 -14.13
CA ALA B 190 24.12 10.92 -13.67
C ALA B 190 23.85 10.94 -12.20
N ILE B 191 22.97 10.05 -11.74
CA ILE B 191 22.78 9.76 -10.32
C ILE B 191 23.23 8.31 -10.11
N LEU B 192 24.18 8.11 -9.19
CA LEU B 192 24.69 6.79 -8.86
C LEU B 192 24.27 6.48 -7.44
N ASP B 193 23.39 5.48 -7.29
CA ASP B 193 22.75 5.21 -5.99
C ASP B 193 23.40 3.97 -5.38
N VAL B 194 24.25 4.19 -4.37
CA VAL B 194 25.01 3.10 -3.75
C VAL B 194 24.42 2.66 -2.41
N ASP B 195 23.33 3.28 -1.99
CA ASP B 195 22.56 2.82 -0.83
C ASP B 195 22.18 1.35 -1.06
N PHE B 196 22.05 0.58 0.01
CA PHE B 196 21.66 -0.83 -0.12
C PHE B 196 20.33 -1.01 -0.85
N HIS B 197 19.41 -0.06 -0.68
CA HIS B 197 18.08 -0.18 -1.26
C HIS B 197 18.00 0.42 -2.65
N HIS B 198 17.18 -0.17 -3.52
CA HIS B 198 16.95 0.43 -4.83
C HIS B 198 16.37 1.84 -4.68
N GLY B 199 16.91 2.81 -5.41
CA GLY B 199 16.32 4.16 -5.47
C GLY B 199 15.12 4.20 -6.39
N ASN B 200 14.04 3.51 -6.00
CA ASN B 200 12.86 3.45 -6.86
C ASN B 200 12.24 4.81 -7.14
N GLY B 201 12.31 5.69 -6.15
CA GLY B 201 11.79 7.04 -6.36
C GLY B 201 12.58 7.79 -7.44
N THR B 202 13.91 7.72 -7.33
CA THR B 202 14.77 8.35 -8.32
C THR B 202 14.55 7.75 -9.72
N GLN B 203 14.47 6.42 -9.76
CA GLN B 203 14.25 5.75 -11.04
C GLN B 203 12.95 6.26 -11.67
N ASP B 204 11.90 6.31 -10.86
CA ASP B 204 10.58 6.77 -11.32
C ASP B 204 10.67 8.17 -11.92
N ILE B 205 11.31 9.09 -11.21
CA ILE B 205 11.41 10.48 -11.66
C ILE B 205 12.05 10.62 -13.03
N PHE B 206 13.10 9.83 -13.28
CA PHE B 206 13.84 9.98 -14.53
C PHE B 206 13.60 8.87 -15.54
N TYR B 207 12.64 7.99 -15.31
CA TYR B 207 12.55 6.77 -16.13
C TYR B 207 12.32 7.08 -17.60
N GLU B 208 11.59 8.16 -17.87
CA GLU B 208 11.26 8.54 -19.25
C GLU B 208 12.06 9.76 -19.72
N ARG B 209 13.16 10.03 -19.03
CA ARG B 209 14.03 11.18 -19.34
C ARG B 209 15.42 10.73 -19.74
N GLY B 210 15.99 11.38 -20.75
CA GLY B 210 17.34 11.03 -21.21
C GLY B 210 18.44 11.99 -20.79
N ASP B 211 18.09 12.97 -19.96
CA ASP B 211 19.06 13.97 -19.49
C ASP B 211 19.76 13.55 -18.21
N VAL B 212 19.16 12.61 -17.51
CA VAL B 212 19.72 12.11 -16.26
C VAL B 212 19.81 10.61 -16.30
N PHE B 213 21.02 10.06 -16.27
CA PHE B 213 21.25 8.62 -16.21
C PHE B 213 21.10 8.17 -14.78
N PHE B 214 20.38 7.08 -14.54
CA PHE B 214 20.22 6.56 -13.18
C PHE B 214 20.82 5.16 -13.06
N ALA B 215 21.80 4.99 -12.18
CA ALA B 215 22.39 3.67 -11.89
C ALA B 215 22.18 3.38 -10.42
N SER B 216 21.81 2.13 -10.11
CA SER B 216 21.60 1.72 -8.71
C SER B 216 22.18 0.34 -8.50
N LEU B 217 22.93 0.18 -7.41
CA LEU B 217 23.38 -1.11 -6.89
C LEU B 217 22.57 -1.38 -5.64
N HIS B 218 22.03 -2.58 -5.46
CA HIS B 218 21.06 -2.76 -4.37
C HIS B 218 20.76 -4.20 -4.12
N GLY B 219 20.19 -4.46 -2.95
CA GLY B 219 19.62 -5.76 -2.66
C GLY B 219 18.52 -6.10 -3.67
N ASP B 220 18.54 -7.33 -4.16
CA ASP B 220 17.56 -7.82 -5.14
C ASP B 220 16.14 -7.52 -4.65
N PRO B 221 15.33 -6.83 -5.46
CA PRO B 221 13.99 -6.49 -4.97
C PRO B 221 13.12 -7.74 -4.78
N ALA B 222 13.47 -8.88 -5.35
CA ALA B 222 12.75 -10.11 -5.03
C ALA B 222 12.78 -10.41 -3.53
N GLU B 223 13.80 -9.93 -2.81
N GLU B 223 13.79 -9.90 -2.83
CA GLU B 223 13.91 -10.20 -1.38
CA GLU B 223 14.02 -10.20 -1.41
C GLU B 223 14.39 -8.98 -0.58
C GLU B 223 14.16 -8.97 -0.51
N ALA B 224 14.18 -7.78 -1.10
CA ALA B 224 14.49 -6.58 -0.35
C ALA B 224 13.59 -5.43 -0.70
N PHE B 225 13.30 -4.62 0.32
CA PHE B 225 12.66 -3.33 0.11
C PHE B 225 13.44 -2.58 -0.97
N PRO B 226 12.77 -1.91 -1.92
CA PRO B 226 11.35 -1.58 -1.99
C PRO B 226 10.45 -2.62 -2.64
N HIS B 227 11.01 -3.76 -3.03
N HIS B 227 11.04 -3.76 -3.03
CA HIS B 227 10.23 -4.94 -3.44
CA HIS B 227 10.31 -4.94 -3.50
C HIS B 227 9.62 -4.90 -4.83
C HIS B 227 9.75 -4.89 -4.93
N PHE B 228 9.30 -3.72 -5.36
CA PHE B 228 8.48 -3.64 -6.59
C PHE B 228 9.12 -2.84 -7.73
N LEU B 229 10.42 -2.65 -7.65
CA LEU B 229 11.18 -2.00 -8.72
C LEU B 229 12.64 -2.31 -8.45
N GLY B 230 13.48 -2.21 -9.46
CA GLY B 230 14.91 -2.45 -9.27
C GLY B 230 15.45 -3.68 -9.99
N TYR B 231 14.62 -4.34 -10.78
CA TYR B 231 15.09 -5.49 -11.59
C TYR B 231 16.01 -5.02 -12.73
N ALA B 232 16.95 -5.88 -13.10
CA ALA B 232 17.93 -5.57 -14.12
C ALA B 232 17.26 -5.28 -15.47
N GLU B 233 16.08 -5.84 -15.72
CA GLU B 233 15.42 -5.65 -17.01
C GLU B 233 14.92 -4.23 -17.22
N GLU B 234 14.84 -3.43 -16.15
CA GLU B 234 14.30 -2.07 -16.25
C GLU B 234 15.40 -1.13 -16.74
N THR B 235 15.36 -0.78 -18.03
CA THR B 235 16.43 0.00 -18.63
C THR B 235 15.97 1.37 -19.13
N GLY B 236 14.68 1.67 -19.03
CA GLY B 236 14.15 2.97 -19.43
C GLY B 236 13.11 2.89 -20.51
N LYS B 237 12.34 3.96 -20.64
N LYS B 237 12.26 3.90 -20.60
CA LYS B 237 11.17 4.02 -21.51
CA LYS B 237 11.25 3.94 -21.66
C LYS B 237 11.17 5.34 -22.31
C LYS B 237 11.37 5.26 -22.37
N GLY B 238 10.90 5.27 -23.61
CA GLY B 238 10.86 6.47 -24.43
C GLY B 238 12.18 7.21 -24.45
N ALA B 239 12.13 8.51 -24.14
CA ALA B 239 13.32 9.35 -24.13
C ALA B 239 14.35 8.85 -23.12
N GLY B 240 13.91 8.06 -22.15
CA GLY B 240 14.78 7.47 -21.15
C GLY B 240 15.33 6.11 -21.52
N ALA B 241 15.14 5.66 -22.76
CA ALA B 241 15.62 4.34 -23.15
C ALA B 241 17.13 4.23 -22.92
N GLY B 242 17.56 3.15 -22.30
CA GLY B 242 18.97 2.92 -22.09
C GLY B 242 19.64 3.78 -21.05
N THR B 243 18.88 4.49 -20.22
CA THR B 243 19.51 5.35 -19.18
C THR B 243 19.10 5.04 -17.76
N THR B 244 18.55 3.84 -17.54
CA THR B 244 18.44 3.27 -16.20
C THR B 244 19.26 1.97 -16.18
N ALA B 245 20.11 1.83 -15.17
CA ALA B 245 20.92 0.60 -15.01
C ALA B 245 20.86 0.12 -13.58
N ASN B 246 20.19 -1.01 -13.39
CA ASN B 246 20.00 -1.62 -12.08
C ASN B 246 20.90 -2.84 -11.91
N TYR B 247 21.54 -2.92 -10.75
CA TYR B 247 22.44 -4.02 -10.40
C TYR B 247 21.97 -4.66 -9.09
N PRO B 248 20.91 -5.50 -9.18
CA PRO B 248 20.43 -6.22 -7.99
C PRO B 248 21.42 -7.32 -7.58
N MET B 249 21.63 -7.49 -6.28
CA MET B 249 22.60 -8.45 -5.77
C MET B 249 22.01 -9.14 -4.56
N GLY B 250 22.56 -10.31 -4.22
CA GLY B 250 21.98 -11.18 -3.21
C GLY B 250 22.54 -11.10 -1.81
N ARG B 251 22.07 -12.01 -0.96
CA ARG B 251 22.45 -12.01 0.43
C ARG B 251 23.93 -12.25 0.62
N GLY B 252 24.54 -11.48 1.50
CA GLY B 252 25.95 -11.66 1.86
C GLY B 252 26.93 -11.01 0.89
N THR B 253 26.44 -10.23 -0.07
CA THR B 253 27.35 -9.68 -1.08
C THR B 253 28.47 -8.87 -0.46
N PRO B 254 29.74 -9.24 -0.74
CA PRO B 254 30.90 -8.49 -0.23
C PRO B 254 31.41 -7.53 -1.29
N TYR B 255 32.42 -6.73 -0.92
CA TYR B 255 32.95 -5.74 -1.84
C TYR B 255 33.55 -6.36 -3.10
N SER B 256 34.14 -7.55 -2.99
CA SER B 256 34.76 -8.15 -4.16
C SER B 256 33.75 -8.31 -5.29
N VAL B 257 32.49 -8.57 -4.95
CA VAL B 257 31.42 -8.65 -5.94
C VAL B 257 30.75 -7.30 -6.20
N TRP B 258 30.41 -6.60 -5.12
CA TRP B 258 29.75 -5.31 -5.24
C TRP B 258 30.59 -4.32 -6.06
N GLY B 259 31.90 -4.31 -5.85
CA GLY B 259 32.78 -3.41 -6.58
C GLY B 259 32.82 -3.68 -8.07
N GLU B 260 32.55 -4.91 -8.50
CA GLU B 260 32.51 -5.22 -9.93
C GLU B 260 31.29 -4.54 -10.54
N ALA B 261 30.17 -4.53 -9.82
CA ALA B 261 29.01 -3.80 -10.30
C ALA B 261 29.29 -2.30 -10.32
N LEU B 262 29.99 -1.78 -9.30
CA LEU B 262 30.36 -0.38 -9.29
C LEU B 262 31.18 -0.03 -10.55
N THR B 263 32.18 -0.83 -10.87
CA THR B 263 32.99 -0.60 -12.07
C THR B 263 32.09 -0.57 -13.30
N ASP B 264 31.17 -1.50 -13.41
CA ASP B 264 30.33 -1.53 -14.60
C ASP B 264 29.43 -0.30 -14.67
N SER B 265 28.86 0.10 -13.54
CA SER B 265 27.98 1.26 -13.52
C SER B 265 28.74 2.51 -13.95
N LEU B 266 30.00 2.62 -13.55
CA LEU B 266 30.80 3.79 -13.88
C LEU B 266 31.15 3.79 -15.39
N LYS B 267 31.35 2.60 -15.94
N LYS B 267 31.34 2.61 -15.98
CA LYS B 267 31.60 2.46 -17.37
CA LYS B 267 31.50 2.52 -17.43
C LYS B 267 30.40 2.97 -18.15
C LYS B 267 30.24 3.03 -18.13
N ARG B 268 29.20 2.64 -17.69
N ARG B 268 29.07 2.61 -17.63
CA ARG B 268 27.98 3.07 -18.37
CA ARG B 268 27.81 3.02 -18.23
C ARG B 268 27.75 4.58 -18.20
C ARG B 268 27.66 4.54 -18.16
N ILE B 269 28.02 5.11 -17.02
CA ILE B 269 27.92 6.55 -16.80
C ILE B 269 28.89 7.31 -17.72
N ALA B 270 30.11 6.79 -17.84
CA ALA B 270 31.08 7.44 -18.73
C ALA B 270 30.65 7.37 -20.20
N ALA B 271 30.06 6.26 -20.62
CA ALA B 271 29.60 6.12 -22.00
C ALA B 271 28.42 7.06 -22.28
N PHE B 272 27.60 7.31 -21.25
CA PHE B 272 26.50 8.27 -21.33
C PHE B 272 27.00 9.71 -21.42
N GLY B 273 28.17 9.99 -20.87
CA GLY B 273 28.76 11.32 -20.92
C GLY B 273 28.24 12.26 -19.84
N ALA B 274 28.02 11.76 -18.63
CA ALA B 274 27.63 12.62 -17.53
C ALA B 274 28.67 13.71 -17.29
N GLU B 275 28.18 14.94 -17.10
CA GLU B 275 29.05 16.07 -16.78
C GLU B 275 29.37 16.16 -15.28
N ALA B 276 28.59 15.48 -14.45
CA ALA B 276 28.77 15.39 -13.01
C ALA B 276 27.96 14.21 -12.55
N ILE B 277 28.34 13.67 -11.41
CA ILE B 277 27.63 12.55 -10.81
C ILE B 277 27.12 12.94 -9.42
N VAL B 278 25.82 12.78 -9.21
CA VAL B 278 25.23 12.91 -7.88
C VAL B 278 25.21 11.51 -7.29
N VAL B 279 25.93 11.34 -6.18
CA VAL B 279 26.02 10.05 -5.55
C VAL B 279 25.00 9.97 -4.43
N SER B 280 24.00 9.10 -4.59
CA SER B 280 23.06 8.81 -3.50
C SER B 280 23.76 7.85 -2.56
N LEU B 281 24.35 8.37 -1.49
CA LEU B 281 25.16 7.57 -0.59
C LEU B 281 24.37 7.09 0.61
N GLY B 282 24.05 5.81 0.63
CA GLY B 282 23.60 5.15 1.85
C GLY B 282 24.71 4.23 2.26
N VAL B 283 24.92 4.12 3.57
CA VAL B 283 25.95 3.21 4.11
C VAL B 283 25.29 2.01 4.78
N ASP B 284 24.03 1.76 4.41
CA ASP B 284 23.33 0.55 4.85
C ASP B 284 23.82 -0.69 4.12
N THR B 285 24.82 -0.55 3.25
CA THR B 285 25.55 -1.68 2.68
C THR B 285 26.53 -2.32 3.68
N PHE B 286 26.67 -1.72 4.86
CA PHE B 286 27.66 -2.14 5.86
C PHE B 286 27.30 -3.49 6.45
N GLU B 287 28.32 -4.29 6.78
CA GLU B 287 28.11 -5.62 7.30
C GLU B 287 27.33 -5.66 8.62
N GLN B 288 27.27 -4.54 9.34
N GLN B 288 27.28 -4.55 9.36
CA GLN B 288 26.53 -4.47 10.61
CA GLN B 288 26.50 -4.51 10.61
C GLN B 288 25.14 -3.87 10.48
C GLN B 288 25.22 -3.69 10.51
N ASP B 289 24.78 -3.38 9.30
CA ASP B 289 23.53 -2.64 9.15
C ASP B 289 22.33 -3.47 9.59
N PRO B 290 21.46 -2.94 10.48
CA PRO B 290 20.41 -3.77 11.09
C PRO B 290 19.28 -4.20 10.14
N ILE B 291 19.13 -3.57 8.99
CA ILE B 291 17.99 -3.89 8.13
C ILE B 291 18.41 -4.37 6.74
N SER B 292 19.69 -4.66 6.54
CA SER B 292 20.25 -4.90 5.20
C SER B 292 21.15 -6.13 5.19
N PHE B 293 21.42 -6.65 3.99
CA PHE B 293 22.12 -7.94 3.87
C PHE B 293 23.41 -7.94 3.03
N PHE B 294 24.04 -6.79 2.83
CA PHE B 294 25.38 -6.76 2.22
C PHE B 294 26.48 -6.77 3.28
N LYS B 295 27.72 -6.99 2.87
CA LYS B 295 28.82 -7.23 3.81
C LYS B 295 30.00 -6.34 3.50
N LEU B 296 29.74 -5.07 3.25
CA LEU B 296 30.85 -4.13 3.08
C LEU B 296 31.50 -3.84 4.43
N THR B 297 32.81 -3.63 4.42
CA THR B 297 33.56 -3.30 5.64
C THR B 297 33.87 -1.80 5.64
N SER B 298 34.25 -1.25 6.79
CA SER B 298 34.55 0.19 6.84
C SER B 298 35.65 0.63 5.83
N PRO B 299 36.75 -0.14 5.71
CA PRO B 299 37.75 0.25 4.71
C PRO B 299 37.21 0.27 3.26
N ASP B 300 36.20 -0.54 2.96
CA ASP B 300 35.66 -0.59 1.60
C ASP B 300 35.08 0.76 1.17
N TYR B 301 34.61 1.57 2.12
CA TYR B 301 34.04 2.87 1.76
C TYR B 301 35.11 3.83 1.21
N ILE B 302 36.35 3.71 1.69
CA ILE B 302 37.43 4.50 1.11
C ILE B 302 37.64 4.11 -0.34
N THR B 303 37.70 2.81 -0.60
CA THR B 303 37.86 2.29 -1.96
C THR B 303 36.73 2.79 -2.84
N MET B 304 35.53 2.72 -2.33
CA MET B 304 34.36 3.17 -3.08
C MET B 304 34.47 4.64 -3.50
N GLY B 305 34.77 5.51 -2.53
CA GLY B 305 34.87 6.94 -2.85
C GLY B 305 35.98 7.22 -3.85
N ARG B 306 37.11 6.55 -3.70
N ARG B 306 37.11 6.54 -3.71
CA ARG B 306 38.22 6.71 -4.63
CA ARG B 306 38.22 6.72 -4.63
C ARG B 306 37.81 6.30 -6.03
C ARG B 306 37.85 6.27 -6.05
N THR B 307 37.17 5.14 -6.15
CA THR B 307 36.78 4.64 -7.46
C THR B 307 35.77 5.58 -8.13
N ILE B 308 34.79 6.05 -7.38
CA ILE B 308 33.79 6.95 -7.98
C ILE B 308 34.44 8.25 -8.44
N ALA B 309 35.35 8.79 -7.63
CA ALA B 309 36.02 10.05 -7.97
C ALA B 309 37.02 9.91 -9.12
N ALA B 310 37.47 8.69 -9.38
N ALA B 310 37.52 8.70 -9.36
CA ALA B 310 38.39 8.39 -10.47
CA ALA B 310 38.68 8.49 -10.23
C ALA B 310 37.71 8.51 -11.84
C ALA B 310 38.61 9.12 -11.62
N SER B 311 36.40 8.68 -11.82
N SER B 311 37.41 9.25 -12.17
CA SER B 311 35.64 9.05 -13.02
CA SER B 311 37.25 9.68 -13.55
C SER B 311 36.19 10.33 -13.62
C SER B 311 37.56 11.16 -13.70
N GLY B 312 36.74 11.18 -12.77
N GLY B 312 37.34 11.91 -12.62
CA GLY B 312 37.31 12.44 -13.21
CA GLY B 312 37.61 13.34 -12.64
C GLY B 312 36.27 13.50 -13.49
C GLY B 312 36.37 14.20 -12.79
N VAL B 313 35.04 13.28 -13.03
N VAL B 313 35.23 13.58 -13.13
CA VAL B 313 34.01 14.32 -13.15
CA VAL B 313 33.98 14.32 -13.19
C VAL B 313 33.55 14.72 -11.75
C VAL B 313 33.58 14.74 -11.76
N PRO B 314 33.02 15.95 -11.62
CA PRO B 314 32.64 16.43 -10.29
C PRO B 314 31.57 15.57 -9.64
N LEU B 315 31.63 15.48 -8.31
CA LEU B 315 30.71 14.66 -7.53
C LEU B 315 29.98 15.51 -6.50
N LEU B 316 28.66 15.33 -6.42
CA LEU B 316 27.93 15.76 -5.23
C LEU B 316 27.51 14.52 -4.49
N VAL B 317 27.95 14.38 -3.24
CA VAL B 317 27.55 13.25 -2.43
C VAL B 317 26.33 13.66 -1.63
N VAL B 318 25.23 12.91 -1.76
CA VAL B 318 23.97 13.22 -1.08
C VAL B 318 23.64 12.09 -0.13
N MET B 319 23.42 12.40 1.13
CA MET B 319 23.20 11.37 2.15
C MET B 319 21.83 10.71 1.99
N GLU B 320 21.82 9.38 2.03
CA GLU B 320 20.60 8.56 2.03
C GLU B 320 20.54 7.77 3.36
N GLY B 321 20.51 6.43 3.30
CA GLY B 321 20.36 5.60 4.52
C GLY B 321 21.65 5.10 5.14
N GLY B 322 21.49 4.11 6.04
CA GLY B 322 22.56 3.61 6.92
C GLY B 322 22.14 3.82 8.38
N TYR B 323 22.04 2.73 9.15
CA TYR B 323 21.31 2.73 10.42
C TYR B 323 22.04 2.09 11.57
N GLY B 324 21.55 2.37 12.78
CA GLY B 324 21.78 1.52 13.92
C GLY B 324 23.02 1.76 14.75
N VAL B 325 24.16 1.65 14.08
N VAL B 325 24.16 1.98 14.10
CA VAL B 325 25.48 1.44 14.69
CA VAL B 325 25.39 2.20 14.84
C VAL B 325 26.33 2.69 14.54
C VAL B 325 26.05 3.51 14.42
N PRO B 326 27.28 2.88 15.46
N PRO B 326 26.79 4.14 15.35
CA PRO B 326 28.08 4.12 15.43
CA PRO B 326 27.49 5.40 15.04
C PRO B 326 28.91 4.26 14.15
C PRO B 326 28.54 5.25 13.94
N GLU B 327 29.19 3.15 13.49
N GLU B 327 28.96 4.02 13.65
CA GLU B 327 30.00 3.20 12.27
CA GLU B 327 29.94 3.75 12.59
C GLU B 327 29.33 3.88 11.06
C GLU B 327 29.39 4.11 11.23
N ILE B 328 28.08 4.30 11.14
CA ILE B 328 27.52 4.95 9.95
C ILE B 328 28.31 6.23 9.63
N GLY B 329 28.75 6.93 10.66
CA GLY B 329 29.54 8.13 10.46
C GLY B 329 30.92 7.84 9.87
N LEU B 330 31.64 6.89 10.48
CA LEU B 330 32.93 6.48 9.94
C LEU B 330 32.80 6.06 8.48
N ASN B 331 31.76 5.31 8.17
CA ASN B 331 31.59 4.83 6.80
C ASN B 331 31.36 5.97 5.81
N VAL B 332 30.52 6.95 6.17
CA VAL B 332 30.33 8.11 5.31
C VAL B 332 31.64 8.90 5.19
N ALA B 333 32.30 9.15 6.30
CA ALA B 333 33.54 9.92 6.28
C ALA B 333 34.57 9.20 5.41
N ASN B 334 34.57 7.87 5.43
CA ASN B 334 35.49 7.10 4.59
C ASN B 334 35.24 7.29 3.12
N VAL B 335 33.98 7.36 2.69
CA VAL B 335 33.71 7.66 1.29
C VAL B 335 34.31 9.03 0.95
N LEU B 336 34.09 10.01 1.81
CA LEU B 336 34.65 11.36 1.57
C LEU B 336 36.18 11.36 1.53
N LYS B 337 36.82 10.56 2.38
CA LYS B 337 38.28 10.42 2.33
C LYS B 337 38.72 9.87 0.99
N GLY B 338 37.97 8.90 0.46
CA GLY B 338 38.35 8.32 -0.83
C GLY B 338 38.21 9.36 -1.95
N VAL B 339 37.13 10.13 -1.89
CA VAL B 339 36.91 11.21 -2.86
C VAL B 339 38.02 12.25 -2.79
N ALA B 340 38.39 12.66 -1.57
CA ALA B 340 39.31 13.79 -1.37
C ALA B 340 40.78 13.44 -1.50
N GLY B 341 41.11 12.15 -1.40
CA GLY B 341 42.49 11.71 -1.37
C GLY B 341 43.20 11.72 -2.70
#